data_2IYB
#
_entry.id   2IYB
#
_cell.length_a   66.548
_cell.length_b   292.927
_cell.length_c   37.126
_cell.angle_alpha   90.00
_cell.angle_beta   90.00
_cell.angle_gamma   90.00
#
_symmetry.space_group_name_H-M   'P 21 21 2'
#
loop_
_entity.id
_entity.type
_entity.pdbx_description
1 polymer 'PROTEIN ENABLED HOMOLOG'
2 polymer TESTIN
3 non-polymer 'ZINC ION'
4 water water
#
loop_
_entity_poly.entity_id
_entity_poly.type
_entity_poly.pdbx_seq_one_letter_code
_entity_poly.pdbx_strand_id
1 'polypeptide(L)'
;RMSEQSICQARAAVMVYDDANKKWVPAGGSTGFSRVHIYHHTGNNTFRVVGRKIQDHQVVINCAIPKGLKYNQATQTFHQ
WRDARQVYGLNFGSKEDANVFASAMMHALEVLNS
;
A,B,C,D
2 'polypeptide(L)' HAVVCQGCHNAIDPEVQRVTYNNFSWHASTECFLCSCCSKCLIGQKFMPVEGMVFCSVECKKRMS E,F,G,H
#
# COMPACT_ATOMS: atom_id res chain seq x y z
N ARG A 1 -2.62 16.18 23.77
CA ARG A 1 -2.96 16.38 22.33
C ARG A 1 -4.33 15.80 22.00
N MET A 2 -4.59 14.59 22.48
CA MET A 2 -5.86 13.90 22.29
C MET A 2 -7.02 14.80 22.75
N SER A 3 -7.74 15.36 21.78
CA SER A 3 -8.88 16.22 22.09
C SER A 3 -9.92 15.45 22.88
N GLU A 4 -10.71 16.18 23.67
CA GLU A 4 -11.85 15.61 24.40
C GLU A 4 -12.83 14.95 23.45
N GLN A 5 -13.47 13.90 23.94
CA GLN A 5 -14.45 13.15 23.16
C GLN A 5 -15.84 13.67 23.42
N SER A 6 -16.57 14.00 22.35
CA SER A 6 -18.00 14.27 22.47
C SER A 6 -18.71 12.92 22.40
N ILE A 7 -19.49 12.61 23.42
CA ILE A 7 -20.19 11.30 23.49
C ILE A 7 -21.70 11.42 23.26
N CYS A 8 -22.19 12.65 23.13
CA CYS A 8 -23.55 12.93 22.69
C CYS A 8 -23.68 14.37 22.19
N GLN A 9 -24.64 14.59 21.31
CA GLN A 9 -25.00 15.91 20.81
C GLN A 9 -26.52 16.00 20.84
N ALA A 10 -27.05 16.74 21.81
CA ALA A 10 -28.49 16.91 21.91
C ALA A 10 -28.89 18.37 21.65
N ARG A 11 -30.14 18.56 21.25
CA ARG A 11 -30.69 19.90 21.08
C ARG A 11 -31.54 20.21 22.32
N ALA A 12 -31.15 21.27 23.02
CA ALA A 12 -31.85 21.72 24.21
C ALA A 12 -31.71 23.21 24.32
N ALA A 13 -32.72 23.86 24.90
CA ALA A 13 -32.58 25.22 25.35
C ALA A 13 -32.04 25.17 26.78
N VAL A 14 -30.83 25.68 26.97
CA VAL A 14 -30.18 25.61 28.28
C VAL A 14 -30.71 26.72 29.18
N MET A 15 -31.10 26.34 30.39
CA MET A 15 -31.67 27.31 31.32
C MET A 15 -31.06 27.24 32.70
N VAL A 16 -31.19 28.33 33.44
CA VAL A 16 -30.88 28.36 34.86
C VAL A 16 -32.10 28.88 35.61
N TYR A 17 -32.20 28.50 36.89
CA TYR A 17 -33.26 29.02 37.74
C TYR A 17 -32.82 30.32 38.42
N ASP A 18 -33.57 31.39 38.17
CA ASP A 18 -33.34 32.70 38.79
C ASP A 18 -34.17 32.82 40.07
N ASP A 19 -33.50 32.73 41.21
CA ASP A 19 -34.12 32.73 42.54
C ASP A 19 -34.79 34.04 42.91
N ALA A 20 -34.14 35.17 42.57
CA ALA A 20 -34.65 36.48 42.95
C ALA A 20 -35.95 36.81 42.21
N ASN A 21 -36.11 36.22 41.03
CA ASN A 21 -37.36 36.35 40.28
C ASN A 21 -38.13 35.03 40.23
N LYS A 22 -37.70 34.08 41.07
CA LYS A 22 -38.32 32.76 41.23
C LYS A 22 -38.88 32.14 39.95
N LYS A 23 -38.08 32.15 38.90
CA LYS A 23 -38.47 31.55 37.63
C LYS A 23 -37.25 30.97 36.91
N TRP A 24 -37.50 30.22 35.84
CA TRP A 24 -36.45 29.75 34.96
C TRP A 24 -36.14 30.83 33.95
N VAL A 25 -34.86 30.97 33.62
CA VAL A 25 -34.40 31.94 32.63
C VAL A 25 -33.39 31.28 31.68
N PRO A 26 -33.21 31.84 30.48
CA PRO A 26 -32.20 31.33 29.56
C PRO A 26 -30.77 31.54 30.07
N ALA A 27 -29.94 30.52 29.92
CA ALA A 27 -28.52 30.62 30.27
C ALA A 27 -27.79 31.51 29.26
N GLY A 28 -26.90 32.36 29.77
CA GLY A 28 -26.15 33.29 28.93
C GLY A 28 -26.92 34.56 28.62
N GLY A 29 -28.16 34.63 29.13
CA GLY A 29 -28.98 35.82 28.98
C GLY A 29 -29.86 35.93 27.75
N SER A 30 -29.83 34.94 26.85
CA SER A 30 -30.69 35.03 25.67
C SER A 30 -31.35 33.71 25.23
N THR A 31 -32.55 33.82 24.68
CA THR A 31 -33.32 32.68 24.19
C THR A 31 -32.64 32.04 22.98
N GLY A 32 -33.02 30.80 22.70
CA GLY A 32 -32.47 30.03 21.60
C GLY A 32 -32.03 28.66 22.08
N PHE A 33 -32.25 27.66 21.23
CA PHE A 33 -31.75 26.32 21.45
C PHE A 33 -30.24 26.23 21.22
N SER A 34 -29.61 25.38 22.01
CA SER A 34 -28.19 25.09 21.92
C SER A 34 -27.95 23.65 21.48
N ARG A 35 -26.77 23.39 20.93
CA ARG A 35 -26.28 22.03 20.79
C ARG A 35 -25.49 21.73 22.05
N VAL A 36 -25.87 20.66 22.73
CA VAL A 36 -25.35 20.33 24.05
C VAL A 36 -24.61 18.99 23.99
N HIS A 37 -23.34 19.02 24.37
CA HIS A 37 -22.50 17.82 24.39
C HIS A 37 -22.17 17.41 25.80
N ILE A 38 -21.87 16.13 25.97
CA ILE A 38 -21.04 15.69 27.07
C ILE A 38 -19.64 15.42 26.54
N TYR A 39 -18.66 16.21 26.99
CA TYR A 39 -17.26 15.96 26.66
C TYR A 39 -16.55 15.07 27.67
N HIS A 40 -15.79 14.10 27.16
CA HIS A 40 -15.06 13.14 27.96
C HIS A 40 -13.57 13.29 27.74
N HIS A 41 -12.88 13.73 28.78
CA HIS A 41 -11.43 13.77 28.76
C HIS A 41 -10.92 12.35 29.07
N THR A 42 -10.58 11.61 28.02
CA THR A 42 -10.18 10.21 28.18
C THR A 42 -8.89 10.01 28.96
N GLY A 43 -8.02 11.01 28.98
CA GLY A 43 -6.80 10.95 29.78
C GLY A 43 -7.10 10.79 31.26
N ASN A 44 -8.01 11.62 31.76
CA ASN A 44 -8.29 11.71 33.19
C ASN A 44 -9.62 11.11 33.63
N ASN A 45 -10.44 10.73 32.65
CA ASN A 45 -11.80 10.29 32.91
C ASN A 45 -12.58 11.35 33.66
N THR A 46 -12.52 12.58 33.15
CA THR A 46 -13.38 13.65 33.62
C THR A 46 -14.32 14.04 32.51
N PHE A 47 -15.49 14.55 32.89
CA PHE A 47 -16.57 14.84 31.97
C PHE A 47 -17.10 16.23 32.27
N ARG A 48 -17.59 16.90 31.23
CA ARG A 48 -18.32 18.15 31.40
C ARG A 48 -19.42 18.29 30.37
N VAL A 49 -20.46 19.04 30.74
CA VAL A 49 -21.52 19.45 29.84
C VAL A 49 -21.11 20.76 29.18
N VAL A 50 -21.12 20.79 27.85
CA VAL A 50 -20.85 22.00 27.08
C VAL A 50 -22.00 22.27 26.08
N GLY A 51 -22.59 23.45 26.16
CA GLY A 51 -23.73 23.81 25.33
C GLY A 51 -23.45 25.10 24.56
N ARG A 52 -23.63 25.02 23.25
CA ARG A 52 -23.31 26.14 22.37
C ARG A 52 -24.54 26.49 21.55
N LYS A 53 -24.90 27.77 21.58
CA LYS A 53 -26.06 28.27 20.86
C LYS A 53 -26.02 27.88 19.38
N ILE A 54 -27.13 27.39 18.85
CA ILE A 54 -27.17 26.96 17.44
C ILE A 54 -26.96 28.09 16.43
N GLN A 55 -27.54 29.26 16.72
CA GLN A 55 -27.41 30.41 15.82
C GLN A 55 -25.97 30.94 15.72
N ASP A 56 -25.30 31.15 16.86
CA ASP A 56 -23.99 31.81 16.83
C ASP A 56 -22.87 31.10 17.61
N HIS A 57 -23.15 29.88 18.08
CA HIS A 57 -22.20 29.09 18.89
C HIS A 57 -21.70 29.77 20.19
N GLN A 58 -22.48 30.67 20.76
CA GLN A 58 -22.18 31.20 22.10
C GLN A 58 -22.24 30.08 23.14
N VAL A 59 -21.20 29.96 23.96
CA VAL A 59 -21.16 28.96 25.02
C VAL A 59 -22.00 29.44 26.20
N VAL A 60 -23.08 28.72 26.49
CA VAL A 60 -24.01 29.13 27.55
C VAL A 60 -23.93 28.23 28.80
N ILE A 61 -23.30 27.07 28.64
CA ILE A 61 -23.01 26.18 29.75
C ILE A 61 -21.65 25.49 29.55
N ASN A 62 -20.90 25.42 30.65
CA ASN A 62 -19.63 24.74 30.70
C ASN A 62 -19.47 24.14 32.09
N CYS A 63 -20.07 22.97 32.29
CA CYS A 63 -20.33 22.47 33.62
C CYS A 63 -19.68 21.11 33.85
N ALA A 64 -18.80 21.04 34.85
CA ALA A 64 -18.16 19.77 35.21
C ALA A 64 -19.18 18.78 35.77
N ILE A 65 -18.95 17.50 35.50
CA ILE A 65 -19.80 16.43 36.05
C ILE A 65 -19.03 15.70 37.16
N PRO A 66 -19.42 15.96 38.43
CA PRO A 66 -18.78 15.26 39.54
C PRO A 66 -19.32 13.85 39.74
N LYS A 67 -18.48 13.01 40.33
CA LYS A 67 -18.91 11.76 40.91
C LYS A 67 -20.10 12.13 41.78
N GLY A 68 -21.22 11.41 41.61
CA GLY A 68 -22.38 11.63 42.46
C GLY A 68 -23.30 12.79 42.08
N LEU A 69 -23.19 13.28 40.85
CA LEU A 69 -24.17 14.26 40.33
C LEU A 69 -25.57 13.64 40.39
N LYS A 70 -26.50 14.36 41.01
CA LYS A 70 -27.89 13.93 41.06
C LYS A 70 -28.63 14.46 39.84
N TYR A 71 -28.81 13.59 38.86
CA TYR A 71 -29.43 13.97 37.60
C TYR A 71 -30.95 13.71 37.64
N ASN A 72 -31.70 14.81 37.64
CA ASN A 72 -33.15 14.78 37.83
C ASN A 72 -33.90 14.88 36.49
N GLN A 73 -34.50 13.77 36.08
CA GLN A 73 -35.27 13.75 34.84
C GLN A 73 -36.71 14.19 35.16
N ALA A 74 -36.85 15.50 35.40
CA ALA A 74 -38.09 16.11 35.92
C ALA A 74 -39.32 15.84 35.07
N THR A 75 -39.25 16.18 33.78
CA THR A 75 -40.26 15.75 32.82
C THR A 75 -39.55 14.94 31.73
N GLN A 76 -40.33 14.44 30.77
CA GLN A 76 -39.79 13.67 29.66
C GLN A 76 -38.88 14.51 28.75
N THR A 77 -39.07 15.82 28.77
CA THR A 77 -38.29 16.72 27.92
C THR A 77 -37.53 17.78 28.71
N PHE A 78 -37.64 17.75 30.04
CA PHE A 78 -36.92 18.70 30.89
C PHE A 78 -36.18 18.00 32.02
N HIS A 79 -34.85 18.04 31.94
CA HIS A 79 -33.99 17.46 32.95
C HIS A 79 -33.20 18.55 33.66
N GLN A 80 -32.82 18.30 34.91
CA GLN A 80 -32.10 19.30 35.70
C GLN A 80 -31.12 18.69 36.71
N TRP A 81 -30.18 19.50 37.16
CA TRP A 81 -29.26 19.15 38.23
C TRP A 81 -28.75 20.44 38.84
N ARG A 82 -28.12 20.34 39.99
CA ARG A 82 -27.60 21.54 40.64
C ARG A 82 -26.15 21.37 41.06
N ASP A 83 -25.48 22.51 41.27
CA ASP A 83 -24.27 22.56 42.10
C ASP A 83 -24.53 23.53 43.25
N ALA A 84 -23.49 23.87 44.02
CA ALA A 84 -23.63 24.79 45.15
C ALA A 84 -24.13 26.19 44.72
N ARG A 85 -23.81 26.57 43.49
CA ARG A 85 -24.26 27.85 42.95
C ARG A 85 -25.67 27.74 42.35
N GLN A 86 -25.75 27.10 41.19
CA GLN A 86 -26.94 27.13 40.35
C GLN A 86 -27.65 25.80 40.21
N VAL A 87 -28.91 25.90 39.79
CA VAL A 87 -29.63 24.79 39.22
C VAL A 87 -29.58 25.01 37.71
N TYR A 88 -29.09 24.00 36.98
CA TYR A 88 -29.09 24.05 35.52
C TYR A 88 -30.28 23.25 35.02
N GLY A 89 -30.89 23.74 33.94
CA GLY A 89 -31.99 23.03 33.27
C GLY A 89 -31.71 22.84 31.81
N LEU A 90 -32.16 21.71 31.27
CA LEU A 90 -32.12 21.45 29.83
C LEU A 90 -33.53 21.18 29.34
N ASN A 91 -34.00 22.05 28.44
CA ASN A 91 -35.32 21.93 27.86
C ASN A 91 -35.16 21.39 26.45
N PHE A 92 -35.31 20.07 26.32
CA PHE A 92 -34.97 19.39 25.07
C PHE A 92 -35.99 19.64 23.96
N GLY A 93 -35.52 19.49 22.73
CA GLY A 93 -36.36 19.70 21.55
C GLY A 93 -37.34 18.57 21.35
N SER A 94 -37.06 17.42 21.97
CA SER A 94 -37.87 16.22 21.87
C SER A 94 -37.48 15.21 22.94
N LYS A 95 -38.31 14.18 23.07
CA LYS A 95 -38.07 13.05 23.96
C LYS A 95 -36.83 12.26 23.56
N GLU A 96 -36.52 12.22 22.26
CA GLU A 96 -35.35 11.52 21.78
C GLU A 96 -34.05 12.23 22.17
N ASP A 97 -34.00 13.55 22.00
CA ASP A 97 -32.87 14.37 22.45
C ASP A 97 -32.61 14.15 23.95
N ALA A 98 -33.69 14.14 24.72
CA ALA A 98 -33.62 13.99 26.17
C ALA A 98 -33.09 12.63 26.60
N ASN A 99 -33.60 11.57 25.98
CA ASN A 99 -33.22 10.21 26.33
C ASN A 99 -31.79 9.93 25.93
N VAL A 100 -31.39 10.49 24.78
CA VAL A 100 -30.01 10.37 24.30
C VAL A 100 -29.03 11.07 25.26
N PHE A 101 -29.41 12.22 25.77
CA PHE A 101 -28.54 12.95 26.69
C PHE A 101 -28.46 12.24 28.03
N ALA A 102 -29.60 11.77 28.52
CA ALA A 102 -29.68 11.09 29.80
C ALA A 102 -28.83 9.81 29.79
N SER A 103 -28.89 9.05 28.69
CA SER A 103 -28.06 7.85 28.56
C SER A 103 -26.58 8.17 28.61
N ALA A 104 -26.17 9.26 27.96
CA ALA A 104 -24.78 9.69 27.98
C ALA A 104 -24.36 10.15 29.38
N MET A 105 -25.29 10.83 30.08
CA MET A 105 -25.05 11.28 31.46
C MET A 105 -24.85 10.08 32.40
N MET A 106 -25.64 9.03 32.21
CA MET A 106 -25.52 7.81 33.03
C MET A 106 -24.25 7.07 32.71
N HIS A 107 -23.85 7.06 31.44
CA HIS A 107 -22.57 6.49 31.05
C HIS A 107 -21.42 7.25 31.70
N ALA A 108 -21.46 8.58 31.66
CA ALA A 108 -20.46 9.40 32.33
C ALA A 108 -20.36 9.02 33.80
N LEU A 109 -21.52 9.00 34.47
CA LEU A 109 -21.60 8.65 35.89
C LEU A 109 -21.15 7.22 36.18
N GLU A 110 -21.40 6.29 35.24
CA GLU A 110 -20.87 4.94 35.32
C GLU A 110 -19.34 4.93 35.46
N VAL A 111 -18.68 5.65 34.55
CA VAL A 111 -17.23 5.76 34.53
C VAL A 111 -16.69 6.50 35.76
N LEU A 112 -17.39 7.56 36.17
CA LEU A 112 -17.00 8.37 37.32
C LEU A 112 -17.15 7.64 38.66
N ASN A 113 -18.10 6.70 38.72
CA ASN A 113 -18.33 5.92 39.92
C ASN A 113 -17.59 4.58 39.92
N SER A 114 -16.71 4.38 38.94
CA SER A 114 -15.77 3.26 38.98
C SER A 114 -14.55 3.63 39.83
N MET B 2 -31.90 12.69 16.80
CA MET B 2 -32.67 12.09 15.71
C MET B 2 -31.78 11.76 14.52
N SER B 3 -31.16 12.78 13.96
CA SER B 3 -30.01 13.42 14.58
C SER B 3 -28.96 12.39 15.00
N GLU B 4 -28.11 12.02 14.05
CA GLU B 4 -27.19 10.90 14.25
C GLU B 4 -26.11 11.24 15.28
N GLN B 5 -25.83 10.30 16.17
CA GLN B 5 -24.93 10.55 17.29
C GLN B 5 -23.52 10.08 17.03
N SER B 6 -22.56 11.00 17.06
CA SER B 6 -21.14 10.65 17.04
C SER B 6 -20.69 10.26 18.43
N ILE B 7 -20.34 8.99 18.61
CA ILE B 7 -19.94 8.48 19.92
C ILE B 7 -18.42 8.46 20.15
N CYS B 8 -17.64 8.70 19.09
CA CYS B 8 -16.19 8.87 19.18
C CYS B 8 -15.65 9.66 17.97
N GLN B 9 -14.56 10.39 18.19
CA GLN B 9 -13.86 11.10 17.11
C GLN B 9 -12.37 10.81 17.20
N ALA B 10 -11.88 9.91 16.35
CA ALA B 10 -10.47 9.52 16.37
C ALA B 10 -9.70 9.99 15.14
N ARG B 11 -8.40 10.27 15.32
CA ARG B 11 -7.52 10.57 14.20
C ARG B 11 -6.89 9.29 13.68
N ALA B 12 -7.11 9.02 12.39
CA ALA B 12 -6.49 7.90 11.71
C ALA B 12 -6.39 8.11 10.21
N ALA B 13 -5.35 7.54 9.63
CA ALA B 13 -5.26 7.41 8.19
C ALA B 13 -6.04 6.16 7.80
N VAL B 14 -7.10 6.33 7.03
CA VAL B 14 -7.94 5.22 6.59
C VAL B 14 -7.32 4.50 5.40
N MET B 15 -7.17 3.18 5.56
CA MET B 15 -6.52 2.33 4.56
C MET B 15 -7.48 1.29 3.99
N VAL B 16 -7.22 0.87 2.77
CA VAL B 16 -7.85 -0.31 2.19
C VAL B 16 -6.77 -1.26 1.70
N TYR B 17 -7.00 -2.56 1.86
CA TYR B 17 -6.01 -3.53 1.42
C TYR B 17 -6.13 -3.86 -0.06
N ASP B 18 -5.02 -3.69 -0.77
CA ASP B 18 -4.91 -4.03 -2.17
C ASP B 18 -4.51 -5.50 -2.28
N ASP B 19 -5.50 -6.38 -2.38
CA ASP B 19 -5.30 -7.83 -2.50
C ASP B 19 -4.28 -8.23 -3.56
N ALA B 20 -4.35 -7.56 -4.71
CA ALA B 20 -3.55 -7.92 -5.87
C ALA B 20 -2.08 -7.60 -5.67
N ASN B 21 -1.80 -6.47 -5.03
CA ASN B 21 -0.44 -6.02 -4.83
C ASN B 21 0.11 -6.38 -3.45
N LYS B 22 -0.70 -7.09 -2.66
CA LYS B 22 -0.35 -7.46 -1.28
C LYS B 22 0.18 -6.23 -0.54
N LYS B 23 -0.68 -5.24 -0.44
CA LYS B 23 -0.27 -3.91 -0.04
C LYS B 23 -1.47 -3.15 0.53
N TRP B 24 -1.23 -2.40 1.60
CA TRP B 24 -2.17 -1.39 2.09
C TRP B 24 -2.07 -0.12 1.26
N VAL B 25 -3.19 0.44 0.85
CA VAL B 25 -3.25 1.73 0.15
C VAL B 25 -4.23 2.70 0.85
N PRO B 26 -4.08 4.02 0.62
CA PRO B 26 -5.02 4.95 1.26
C PRO B 26 -6.44 4.80 0.75
N ALA B 27 -7.42 4.80 1.66
CA ALA B 27 -8.83 4.79 1.25
C ALA B 27 -9.18 6.09 0.53
N GLY B 28 -10.04 5.98 -0.50
CA GLY B 28 -10.47 7.12 -1.29
C GLY B 28 -9.44 7.64 -2.28
N GLY B 29 -8.25 7.04 -2.28
CA GLY B 29 -7.24 7.35 -3.27
C GLY B 29 -6.11 8.28 -2.84
N SER B 30 -6.31 9.07 -1.81
CA SER B 30 -5.26 10.00 -1.40
C SER B 30 -4.85 9.88 0.06
N THR B 31 -3.54 10.04 0.27
CA THR B 31 -2.91 10.07 1.60
C THR B 31 -3.53 11.16 2.46
N GLY B 32 -3.33 11.04 3.76
CA GLY B 32 -3.76 12.07 4.70
C GLY B 32 -4.61 11.48 5.78
N PHE B 33 -4.52 12.07 6.96
CA PHE B 33 -5.30 11.62 8.10
C PHE B 33 -6.74 12.10 8.01
N SER B 34 -7.63 11.27 8.56
CA SER B 34 -9.03 11.58 8.66
C SER B 34 -9.45 11.69 10.12
N ARG B 35 -10.56 12.36 10.34
CA ARG B 35 -11.29 12.21 11.58
C ARG B 35 -12.34 11.14 11.35
N VAL B 36 -12.22 10.08 12.13
CA VAL B 36 -13.03 8.88 11.97
C VAL B 36 -13.98 8.77 13.16
N HIS B 37 -15.27 8.70 12.86
CA HIS B 37 -16.31 8.64 13.87
C HIS B 37 -16.95 7.28 13.85
N ILE B 38 -17.56 6.91 14.96
CA ILE B 38 -18.64 5.94 14.95
C ILE B 38 -19.93 6.75 15.16
N TYR B 39 -20.82 6.66 14.19
CA TYR B 39 -22.14 7.27 14.27
C TYR B 39 -23.19 6.26 14.68
N HIS B 40 -24.03 6.64 15.63
CA HIS B 40 -25.11 5.81 16.10
C HIS B 40 -26.45 6.46 15.72
N HIS B 41 -27.18 5.81 14.81
CA HIS B 41 -28.52 6.24 14.41
C HIS B 41 -29.44 5.71 15.47
N THR B 42 -29.88 6.60 16.36
CA THR B 42 -30.57 6.19 17.58
C THR B 42 -32.01 5.77 17.30
N GLY B 43 -32.57 6.28 16.22
CA GLY B 43 -33.88 5.83 15.72
C GLY B 43 -33.82 4.37 15.32
N ASN B 44 -32.87 4.03 14.44
CA ASN B 44 -32.77 2.70 13.85
C ASN B 44 -31.99 1.71 14.68
N ASN B 45 -31.25 2.23 15.66
CA ASN B 45 -30.33 1.46 16.49
C ASN B 45 -29.24 0.80 15.65
N THR B 46 -28.70 1.57 14.72
CA THR B 46 -27.62 1.09 13.88
C THR B 46 -26.38 1.96 14.07
N PHE B 47 -25.25 1.43 13.62
CA PHE B 47 -23.97 2.09 13.76
C PHE B 47 -23.25 2.05 12.42
N ARG B 48 -22.43 3.06 12.17
CA ARG B 48 -21.55 3.07 11.02
C ARG B 48 -20.23 3.76 11.33
N VAL B 49 -19.20 3.42 10.56
CA VAL B 49 -17.92 4.12 10.60
C VAL B 49 -17.96 5.17 9.47
N VAL B 50 -17.71 6.43 9.84
CA VAL B 50 -17.59 7.51 8.87
C VAL B 50 -16.25 8.21 9.10
N GLY B 51 -15.41 8.20 8.05
CA GLY B 51 -14.10 8.84 8.07
C GLY B 51 -14.02 9.97 7.07
N ARG B 52 -13.54 11.12 7.54
CA ARG B 52 -13.57 12.34 6.75
C ARG B 52 -12.22 13.08 6.81
N LYS B 53 -11.58 13.25 5.65
CA LYS B 53 -10.27 13.90 5.58
C LYS B 53 -10.19 15.20 6.36
N ILE B 54 -9.13 15.37 7.13
CA ILE B 54 -8.95 16.59 7.92
C ILE B 54 -8.64 17.77 7.00
N GLN B 55 -7.83 17.53 5.97
CA GLN B 55 -7.44 18.56 5.00
C GLN B 55 -8.60 19.06 4.11
N ASP B 56 -9.09 18.21 3.20
CA ASP B 56 -10.12 18.63 2.24
C ASP B 56 -11.51 18.08 2.49
N HIS B 57 -11.68 17.38 3.60
CA HIS B 57 -13.01 17.00 4.09
C HIS B 57 -13.73 15.90 3.27
N GLN B 58 -12.97 15.21 2.42
CA GLN B 58 -13.48 14.09 1.63
C GLN B 58 -13.83 12.91 2.54
N VAL B 59 -15.05 12.38 2.37
CA VAL B 59 -15.48 11.18 3.07
C VAL B 59 -14.79 9.99 2.40
N VAL B 60 -13.90 9.32 3.13
CA VAL B 60 -13.09 8.22 2.57
C VAL B 60 -13.55 6.85 3.06
N ILE B 61 -14.34 6.83 4.13
CA ILE B 61 -14.96 5.60 4.58
C ILE B 61 -16.37 5.90 5.10
N ASN B 62 -17.33 5.07 4.68
CA ASN B 62 -18.71 5.17 5.12
C ASN B 62 -19.36 3.80 5.03
N CYS B 63 -19.25 3.03 6.10
CA CYS B 63 -19.76 1.68 6.07
C CYS B 63 -20.43 1.24 7.37
N ALA B 64 -21.51 0.49 7.21
CA ALA B 64 -22.29 -0.02 8.32
C ALA B 64 -21.44 -0.89 9.24
N ILE B 65 -21.79 -0.90 10.52
CA ILE B 65 -21.24 -1.88 11.43
C ILE B 65 -22.32 -2.94 11.58
N PRO B 66 -22.14 -4.09 10.90
CA PRO B 66 -23.07 -5.20 11.11
C PRO B 66 -22.73 -5.90 12.42
N LYS B 67 -23.68 -6.63 12.99
CA LYS B 67 -23.48 -7.23 14.32
C LYS B 67 -22.35 -8.27 14.36
N GLY B 68 -22.00 -8.82 13.20
CA GLY B 68 -20.97 -9.84 13.09
C GLY B 68 -19.60 -9.34 12.65
N LEU B 69 -19.38 -8.03 12.72
CA LEU B 69 -18.10 -7.41 12.36
C LEU B 69 -16.99 -7.95 13.26
N LYS B 70 -15.88 -8.34 12.64
CA LYS B 70 -14.73 -8.85 13.37
C LYS B 70 -13.64 -7.80 13.39
N TYR B 71 -13.51 -7.16 14.54
CA TYR B 71 -12.60 -6.04 14.70
C TYR B 71 -11.24 -6.57 15.16
N ASN B 72 -10.26 -6.52 14.26
CA ASN B 72 -8.92 -7.04 14.51
C ASN B 72 -7.97 -5.95 14.98
N GLN B 73 -7.66 -5.96 16.27
CA GLN B 73 -6.71 -5.02 16.83
C GLN B 73 -5.30 -5.57 16.60
N ALA B 74 -4.87 -5.47 15.33
CA ALA B 74 -3.65 -6.10 14.86
C ALA B 74 -2.42 -5.56 15.59
N THR B 75 -2.32 -4.25 15.71
CA THR B 75 -1.29 -3.63 16.55
C THR B 75 -1.95 -2.60 17.45
N GLN B 76 -1.14 -2.00 18.32
CA GLN B 76 -1.62 -1.00 19.26
C GLN B 76 -2.19 0.23 18.54
N THR B 77 -1.67 0.54 17.36
CA THR B 77 -2.09 1.71 16.58
C THR B 77 -2.64 1.40 15.19
N PHE B 78 -2.66 0.13 14.81
CA PHE B 78 -3.29 -0.26 13.55
C PHE B 78 -4.38 -1.30 13.78
N HIS B 79 -5.63 -0.92 13.52
CA HIS B 79 -6.75 -1.86 13.61
C HIS B 79 -7.37 -2.05 12.23
N GLN B 80 -8.02 -3.21 12.03
CA GLN B 80 -8.55 -3.60 10.74
C GLN B 80 -9.77 -4.52 10.83
N TRP B 81 -10.59 -4.52 9.79
CA TRP B 81 -11.74 -5.43 9.72
C TRP B 81 -12.14 -5.68 8.28
N ARG B 82 -12.72 -6.85 8.07
CA ARG B 82 -13.26 -7.21 6.77
C ARG B 82 -14.67 -6.63 6.65
N ASP B 83 -14.94 -6.02 5.51
CA ASP B 83 -16.28 -5.57 5.16
C ASP B 83 -16.61 -6.13 3.78
N ALA B 84 -17.31 -7.26 3.78
CA ALA B 84 -17.60 -8.02 2.57
C ALA B 84 -16.31 -8.47 1.87
N ARG B 85 -15.97 -7.84 0.75
CA ARG B 85 -14.81 -8.23 -0.05
C ARG B 85 -13.62 -7.32 0.23
N GLN B 86 -13.82 -6.36 1.13
CA GLN B 86 -12.90 -5.27 1.35
C GLN B 86 -12.32 -5.34 2.76
N VAL B 87 -11.02 -5.10 2.90
CA VAL B 87 -10.42 -5.02 4.22
C VAL B 87 -9.99 -3.59 4.51
N TYR B 88 -10.70 -2.97 5.45
CA TYR B 88 -10.38 -1.63 5.92
C TYR B 88 -9.35 -1.67 7.02
N GLY B 89 -8.52 -0.64 7.08
CA GLY B 89 -7.55 -0.49 8.16
C GLY B 89 -7.55 0.92 8.67
N LEU B 90 -7.23 1.09 9.94
CA LEU B 90 -7.09 2.41 10.54
C LEU B 90 -5.73 2.54 11.20
N ASN B 91 -4.90 3.42 10.65
CA ASN B 91 -3.58 3.69 11.19
C ASN B 91 -3.70 4.91 12.08
N PHE B 92 -3.95 4.68 13.37
CA PHE B 92 -4.28 5.75 14.30
C PHE B 92 -3.11 6.68 14.57
N GLY B 93 -3.45 7.94 14.86
CA GLY B 93 -2.47 8.96 15.15
C GLY B 93 -1.70 8.63 16.40
N SER B 94 -2.37 7.99 17.35
CA SER B 94 -1.72 7.56 18.58
C SER B 94 -2.50 6.43 19.24
N LYS B 95 -2.19 6.15 20.50
CA LYS B 95 -2.56 4.89 21.12
C LYS B 95 -4.00 4.90 21.61
N GLU B 96 -4.26 5.68 22.65
CA GLU B 96 -5.01 6.92 22.53
C GLU B 96 -6.13 6.78 21.50
N ASP B 97 -5.96 7.45 20.37
CA ASP B 97 -6.95 7.41 19.30
C ASP B 97 -7.46 5.99 19.06
N ALA B 98 -6.53 5.04 19.03
CA ALA B 98 -6.86 3.64 18.79
C ALA B 98 -7.77 3.10 19.89
N ASN B 99 -7.45 3.42 21.15
CA ASN B 99 -8.20 2.95 22.31
C ASN B 99 -9.61 3.52 22.42
N VAL B 100 -9.78 4.82 22.15
CA VAL B 100 -11.12 5.42 22.20
C VAL B 100 -11.99 4.90 21.05
N PHE B 101 -11.39 4.62 19.90
CA PHE B 101 -12.16 4.08 18.78
C PHE B 101 -12.57 2.64 19.06
N ALA B 102 -11.60 1.80 19.43
CA ALA B 102 -11.83 0.39 19.74
C ALA B 102 -12.87 0.23 20.83
N SER B 103 -12.84 1.12 21.81
CA SER B 103 -13.81 1.14 22.88
C SER B 103 -15.23 1.42 22.39
N ALA B 104 -15.39 2.39 21.49
CA ALA B 104 -16.71 2.69 20.90
C ALA B 104 -17.19 1.57 19.97
N MET B 105 -16.25 0.96 19.25
CA MET B 105 -16.55 -0.24 18.44
C MET B 105 -17.08 -1.38 19.31
N MET B 106 -16.38 -1.65 20.43
CA MET B 106 -16.78 -2.67 21.39
C MET B 106 -18.19 -2.38 21.91
N HIS B 107 -18.45 -1.12 22.23
CA HIS B 107 -19.77 -0.71 22.71
C HIS B 107 -20.85 -0.93 21.64
N ALA B 108 -20.58 -0.51 20.41
CA ALA B 108 -21.49 -0.67 19.30
C ALA B 108 -21.84 -2.14 19.02
N LEU B 109 -20.83 -3.02 19.05
CA LEU B 109 -21.04 -4.44 18.84
C LEU B 109 -21.78 -5.10 20.02
N GLU B 110 -21.47 -4.64 21.23
CA GLU B 110 -22.20 -5.03 22.43
C GLU B 110 -23.70 -4.73 22.27
N VAL B 111 -24.03 -3.54 21.77
CA VAL B 111 -25.41 -3.12 21.58
C VAL B 111 -26.14 -3.95 20.51
N LEU B 112 -25.48 -4.15 19.36
CA LEU B 112 -26.08 -4.87 18.24
C LEU B 112 -26.34 -6.33 18.55
N ASN B 113 -25.52 -6.91 19.45
CA ASN B 113 -25.53 -8.33 19.77
C ASN B 113 -26.36 -8.70 21.01
N SER B 114 -27.08 -7.74 21.57
CA SER B 114 -27.95 -8.02 22.71
C SER B 114 -29.43 -8.00 22.34
N SER C 3 36.99 -23.70 -17.11
CA SER C 3 36.88 -24.24 -18.50
C SER C 3 36.87 -25.75 -18.51
N GLU C 4 37.93 -26.35 -17.98
CA GLU C 4 38.11 -27.78 -18.15
C GLU C 4 38.14 -28.59 -16.86
N GLN C 5 38.71 -28.02 -15.80
CA GLN C 5 38.78 -28.74 -14.52
C GLN C 5 37.50 -28.57 -13.70
N SER C 6 36.79 -29.67 -13.51
CA SER C 6 35.61 -29.67 -12.66
C SER C 6 36.03 -29.98 -11.24
N ILE C 7 35.76 -29.05 -10.31
CA ILE C 7 36.18 -29.23 -8.92
C ILE C 7 35.04 -29.69 -8.01
N CYS C 8 33.80 -29.51 -8.45
CA CYS C 8 32.65 -30.13 -7.78
C CYS C 8 31.54 -30.49 -8.75
N GLN C 9 30.75 -31.47 -8.36
CA GLN C 9 29.59 -31.91 -9.11
C GLN C 9 28.42 -32.03 -8.13
N ALA C 10 27.42 -31.18 -8.27
CA ALA C 10 26.28 -31.17 -7.36
C ALA C 10 24.95 -31.18 -8.09
N ARG C 11 23.91 -31.65 -7.41
CA ARG C 11 22.54 -31.63 -7.93
C ARG C 11 21.79 -30.48 -7.29
N ALA C 12 21.23 -29.61 -8.13
CA ALA C 12 20.47 -28.48 -7.66
C ALA C 12 19.48 -28.04 -8.72
N ALA C 13 18.31 -27.55 -8.27
CA ALA C 13 17.43 -26.76 -9.11
C ALA C 13 17.91 -25.32 -9.06
N VAL C 14 18.25 -24.78 -10.22
CA VAL C 14 18.80 -23.43 -10.31
C VAL C 14 17.67 -22.41 -10.40
N MET C 15 17.73 -21.41 -9.53
CA MET C 15 16.68 -20.41 -9.36
C MET C 15 17.19 -19.00 -9.58
N VAL C 16 16.34 -18.16 -10.12
CA VAL C 16 16.58 -16.72 -10.17
C VAL C 16 15.44 -16.02 -9.44
N TYR C 17 15.72 -14.86 -8.86
CA TYR C 17 14.71 -14.12 -8.11
C TYR C 17 13.95 -13.11 -8.98
N ASP C 18 12.63 -13.27 -9.04
CA ASP C 18 11.75 -12.32 -9.72
C ASP C 18 11.42 -11.17 -8.77
N ASP C 19 12.10 -10.04 -8.95
CA ASP C 19 11.90 -8.86 -8.09
C ASP C 19 10.58 -8.16 -8.36
N ALA C 20 10.02 -8.37 -9.56
CA ALA C 20 8.74 -7.79 -9.95
C ALA C 20 7.55 -8.44 -9.25
N ASN C 21 7.73 -9.69 -8.82
CA ASN C 21 6.68 -10.42 -8.10
C ASN C 21 7.13 -11.00 -6.76
N LYS C 22 8.33 -10.59 -6.32
CA LYS C 22 8.92 -11.03 -5.05
C LYS C 22 8.88 -12.55 -4.84
N LYS C 23 9.32 -13.29 -5.86
CA LYS C 23 9.37 -14.76 -5.81
C LYS C 23 10.58 -15.34 -6.54
N TRP C 24 10.96 -16.56 -6.17
CA TRP C 24 11.97 -17.32 -6.90
C TRP C 24 11.33 -18.03 -8.09
N VAL C 25 12.01 -17.96 -9.24
CA VAL C 25 11.58 -18.64 -10.44
C VAL C 25 12.69 -19.57 -10.97
N PRO C 26 12.33 -20.61 -11.74
CA PRO C 26 13.38 -21.52 -12.21
C PRO C 26 14.24 -20.86 -13.27
N ALA C 27 15.55 -21.02 -13.16
CA ALA C 27 16.47 -20.44 -14.14
C ALA C 27 16.27 -21.07 -15.52
N GLY C 28 16.30 -20.23 -16.55
CA GLY C 28 16.06 -20.66 -17.93
C GLY C 28 14.60 -21.02 -18.21
N GLY C 29 13.71 -20.58 -17.34
CA GLY C 29 12.27 -20.72 -17.57
C GLY C 29 11.63 -22.01 -17.09
N SER C 30 12.30 -23.15 -17.31
CA SER C 30 11.68 -24.45 -17.06
C SER C 30 12.11 -25.14 -15.76
N THR C 31 11.16 -25.87 -15.19
CA THR C 31 11.35 -26.62 -13.95
C THR C 31 12.22 -27.86 -14.15
N GLY C 32 12.87 -28.31 -13.07
CA GLY C 32 13.78 -29.46 -13.12
C GLY C 32 15.15 -29.19 -12.53
N PHE C 33 15.73 -30.25 -11.96
CA PHE C 33 17.06 -30.20 -11.38
C PHE C 33 18.16 -30.25 -12.45
N SER C 34 19.27 -29.58 -12.15
CA SER C 34 20.45 -29.57 -13.03
C SER C 34 21.62 -30.26 -12.34
N ARG C 35 22.60 -30.69 -13.13
CA ARG C 35 23.91 -30.99 -12.57
C ARG C 35 24.79 -29.76 -12.68
N VAL C 36 25.25 -29.29 -11.53
CA VAL C 36 25.96 -28.03 -11.43
C VAL C 36 27.42 -28.27 -11.07
N HIS C 37 28.34 -27.77 -11.89
CA HIS C 37 29.77 -27.86 -11.64
C HIS C 37 30.34 -26.49 -11.33
N ILE C 38 31.46 -26.48 -10.63
CA ILE C 38 32.35 -25.33 -10.67
C ILE C 38 33.55 -25.73 -11.53
N TYR C 39 33.73 -24.99 -12.63
CA TYR C 39 34.83 -25.23 -13.53
C TYR C 39 35.99 -24.28 -13.28
N HIS C 40 37.21 -24.82 -13.30
CA HIS C 40 38.41 -24.05 -13.16
C HIS C 40 39.17 -24.05 -14.48
N HIS C 41 39.35 -22.86 -15.03
CA HIS C 41 40.21 -22.66 -16.20
C HIS C 41 41.64 -22.46 -15.70
N THR C 42 42.49 -23.44 -15.99
CA THR C 42 43.87 -23.46 -15.52
C THR C 42 44.70 -22.32 -16.10
N GLY C 43 44.69 -22.18 -17.43
CA GLY C 43 45.42 -21.11 -18.10
C GLY C 43 45.18 -19.74 -17.49
N ASN C 44 43.90 -19.37 -17.36
CA ASN C 44 43.52 -18.04 -16.90
C ASN C 44 43.25 -17.94 -15.41
N ASN C 45 43.33 -19.08 -14.71
CA ASN C 45 43.02 -19.17 -13.27
C ASN C 45 41.65 -18.54 -12.90
N THR C 46 40.63 -18.86 -13.70
CA THR C 46 39.30 -18.33 -13.46
C THR C 46 38.37 -19.47 -13.05
N PHE C 47 37.25 -19.10 -12.44
CA PHE C 47 36.23 -20.05 -12.04
C PHE C 47 34.87 -19.59 -12.53
N ARG C 48 34.05 -20.53 -12.97
CA ARG C 48 32.67 -20.26 -13.28
C ARG C 48 31.73 -21.36 -12.79
N VAL C 49 30.50 -20.96 -12.47
CA VAL C 49 29.44 -21.89 -12.12
C VAL C 49 28.65 -22.23 -13.39
N VAL C 50 28.56 -23.52 -13.68
CA VAL C 50 27.88 -23.99 -14.88
C VAL C 50 26.92 -25.09 -14.50
N GLY C 51 25.67 -24.94 -14.93
CA GLY C 51 24.63 -25.93 -14.65
C GLY C 51 23.83 -26.32 -15.87
N ARG C 52 23.75 -27.63 -16.11
CA ARG C 52 23.00 -28.18 -17.22
C ARG C 52 21.82 -29.01 -16.71
N LYS C 53 20.65 -28.71 -17.24
CA LYS C 53 19.42 -29.45 -16.96
C LYS C 53 19.64 -30.93 -17.22
N ILE C 54 19.27 -31.78 -16.26
CA ILE C 54 19.44 -33.22 -16.38
C ILE C 54 18.57 -33.81 -17.49
N GLN C 55 17.38 -33.24 -17.67
CA GLN C 55 16.36 -33.84 -18.51
C GLN C 55 16.79 -33.84 -19.99
N ASP C 56 17.04 -32.65 -20.52
CA ASP C 56 17.00 -32.43 -21.96
C ASP C 56 18.36 -32.02 -22.50
N HIS C 57 18.79 -30.81 -22.13
CA HIS C 57 20.10 -30.62 -21.52
C HIS C 57 20.45 -29.14 -21.42
N GLN C 58 19.43 -28.29 -21.45
CA GLN C 58 19.63 -26.84 -21.42
C GLN C 58 20.62 -26.31 -20.39
N VAL C 59 21.56 -25.47 -20.84
CA VAL C 59 22.46 -24.72 -19.94
C VAL C 59 21.66 -23.61 -19.26
N VAL C 60 21.33 -23.81 -17.99
CA VAL C 60 20.49 -22.86 -17.26
C VAL C 60 21.30 -21.83 -16.46
N ILE C 61 22.58 -22.11 -16.28
CA ILE C 61 23.49 -21.15 -15.66
C ILE C 61 24.90 -21.35 -16.19
N ASN C 62 25.54 -20.23 -16.53
CA ASN C 62 26.95 -20.21 -16.89
C ASN C 62 27.49 -18.87 -16.42
N CYS C 63 27.86 -18.84 -15.15
CA CYS C 63 28.10 -17.60 -14.43
C CYS C 63 29.52 -17.53 -13.90
N ALA C 64 30.21 -16.45 -14.21
CA ALA C 64 31.57 -16.22 -13.73
C ALA C 64 31.59 -16.09 -12.21
N ILE C 65 32.67 -16.55 -11.59
CA ILE C 65 32.88 -16.31 -10.16
C ILE C 65 33.94 -15.23 -9.99
N PRO C 66 33.52 -13.98 -9.74
CA PRO C 66 34.49 -12.94 -9.45
C PRO C 66 35.05 -13.07 -8.04
N LYS C 67 36.22 -12.46 -7.85
CA LYS C 67 36.89 -12.36 -6.55
C LYS C 67 35.94 -11.97 -5.40
N GLY C 68 35.11 -10.95 -5.61
CA GLY C 68 34.27 -10.39 -4.56
C GLY C 68 32.88 -10.99 -4.39
N LEU C 69 32.63 -12.14 -5.02
CA LEU C 69 31.35 -12.84 -4.91
C LEU C 69 30.99 -13.13 -3.45
N LYS C 70 29.79 -12.72 -3.05
CA LYS C 70 29.31 -12.91 -1.68
C LYS C 70 28.29 -14.06 -1.64
N TYR C 71 28.75 -15.20 -1.13
CA TYR C 71 28.03 -16.45 -1.20
C TYR C 71 27.24 -16.68 0.09
N ASN C 72 25.92 -16.66 -0.01
CA ASN C 72 25.06 -16.71 1.16
C ASN C 72 24.37 -18.07 1.32
N GLN C 73 24.83 -18.80 2.31
CA GLN C 73 24.24 -20.05 2.70
C GLN C 73 23.01 -19.85 3.55
N ALA C 74 21.90 -19.56 2.89
CA ALA C 74 20.74 -18.96 3.55
C ALA C 74 19.64 -19.99 3.77
N THR C 75 19.90 -20.93 4.67
CA THR C 75 19.35 -22.28 4.54
C THR C 75 20.45 -23.29 4.24
N GLN C 76 20.25 -24.53 4.69
CA GLN C 76 21.27 -25.57 4.56
C GLN C 76 21.24 -26.20 3.17
N THR C 77 20.08 -26.15 2.53
CA THR C 77 19.91 -26.73 1.20
C THR C 77 19.66 -25.68 0.10
N PHE C 78 19.55 -24.42 0.50
CA PHE C 78 19.41 -23.32 -0.45
C PHE C 78 20.49 -22.27 -0.23
N HIS C 79 21.35 -22.11 -1.24
CA HIS C 79 22.39 -21.10 -1.19
C HIS C 79 22.18 -20.12 -2.33
N GLN C 80 22.55 -18.86 -2.09
CA GLN C 80 22.38 -17.81 -3.10
C GLN C 80 23.56 -16.84 -3.15
N TRP C 81 23.68 -16.15 -4.29
CA TRP C 81 24.62 -15.04 -4.44
C TRP C 81 24.07 -14.08 -5.47
N ARG C 82 24.56 -12.85 -5.44
CA ARG C 82 24.23 -11.83 -6.41
C ARG C 82 25.30 -11.72 -7.50
N ASP C 83 24.86 -11.78 -8.75
CA ASP C 83 25.73 -11.43 -9.88
C ASP C 83 25.17 -10.22 -10.64
N ALA C 84 25.74 -9.06 -10.38
CA ALA C 84 25.14 -7.80 -10.83
C ALA C 84 23.73 -7.63 -10.29
N ARG C 85 22.90 -6.89 -11.02
CA ARG C 85 22.04 -7.49 -12.03
C ARG C 85 21.05 -8.47 -11.40
N GLN C 86 21.55 -9.63 -10.98
CA GLN C 86 20.70 -10.79 -10.78
C GLN C 86 21.07 -11.49 -9.47
N VAL C 87 20.11 -12.19 -8.89
CA VAL C 87 20.39 -13.07 -7.76
C VAL C 87 20.13 -14.51 -8.17
N TYR C 88 21.16 -15.32 -8.04
CA TYR C 88 21.05 -16.75 -8.32
C TYR C 88 20.81 -17.50 -7.03
N GLY C 89 19.99 -18.55 -7.11
CA GLY C 89 19.79 -19.45 -5.99
C GLY C 89 20.02 -20.88 -6.41
N LEU C 90 20.59 -21.67 -5.51
CA LEU C 90 20.73 -23.10 -5.75
C LEU C 90 19.95 -23.90 -4.72
N ASN C 91 18.99 -24.69 -5.22
CA ASN C 91 18.17 -25.55 -4.39
C ASN C 91 18.67 -26.98 -4.51
N PHE C 92 19.55 -27.35 -3.58
CA PHE C 92 20.30 -28.60 -3.67
C PHE C 92 19.47 -29.83 -3.36
N GLY C 93 19.77 -30.92 -4.07
CA GLY C 93 19.06 -32.19 -3.89
C GLY C 93 19.18 -32.71 -2.47
N SER C 94 20.40 -32.71 -1.96
CA SER C 94 20.68 -33.20 -0.61
C SER C 94 21.50 -32.16 0.15
N LYS C 95 21.64 -32.37 1.46
CA LYS C 95 22.54 -31.56 2.27
C LYS C 95 23.99 -31.86 1.86
N GLU C 96 24.21 -33.04 1.30
CA GLU C 96 25.52 -33.44 0.77
C GLU C 96 25.96 -32.56 -0.40
N ASP C 97 25.06 -32.38 -1.38
CA ASP C 97 25.32 -31.55 -2.55
C ASP C 97 25.58 -30.11 -2.13
N ALA C 98 24.75 -29.60 -1.23
CA ALA C 98 24.93 -28.25 -0.68
C ALA C 98 26.34 -28.09 -0.10
N ASN C 99 26.74 -29.05 0.73
CA ASN C 99 28.06 -29.05 1.38
C ASN C 99 29.26 -29.04 0.43
N VAL C 100 29.24 -29.92 -0.58
CA VAL C 100 30.35 -30.02 -1.52
C VAL C 100 30.50 -28.77 -2.40
N PHE C 101 29.38 -28.22 -2.84
CA PHE C 101 29.41 -26.98 -3.64
C PHE C 101 29.95 -25.84 -2.80
N ALA C 102 29.46 -25.73 -1.56
CA ALA C 102 29.85 -24.64 -0.67
C ALA C 102 31.34 -24.65 -0.38
N SER C 103 31.90 -25.84 -0.14
CA SER C 103 33.34 -26.04 0.05
C SER C 103 34.10 -25.56 -1.18
N ALA C 104 33.68 -26.06 -2.34
CA ALA C 104 34.28 -25.73 -3.63
C ALA C 104 34.22 -24.23 -3.91
N MET C 105 33.05 -23.63 -3.66
CA MET C 105 32.87 -22.18 -3.80
C MET C 105 33.84 -21.38 -2.92
N MET C 106 33.91 -21.71 -1.63
CA MET C 106 34.82 -21.01 -0.72
C MET C 106 36.28 -21.22 -1.12
N HIS C 107 36.60 -22.41 -1.61
CA HIS C 107 37.94 -22.73 -2.11
C HIS C 107 38.31 -21.91 -3.33
N ALA C 108 37.36 -21.81 -4.27
CA ALA C 108 37.53 -20.98 -5.47
C ALA C 108 37.80 -19.52 -5.11
N LEU C 109 37.09 -19.03 -4.09
CA LEU C 109 37.22 -17.65 -3.63
C LEU C 109 38.48 -17.41 -2.80
N GLU C 110 39.09 -18.48 -2.28
CA GLU C 110 40.38 -18.37 -1.61
C GLU C 110 41.48 -18.12 -2.64
N VAL C 111 41.52 -18.94 -3.68
CA VAL C 111 42.46 -18.79 -4.78
C VAL C 111 42.36 -17.39 -5.39
N LEU C 112 41.13 -16.94 -5.62
CA LEU C 112 40.90 -15.63 -6.24
C LEU C 112 41.32 -14.45 -5.36
N ASN C 113 41.49 -14.72 -4.05
CA ASN C 113 41.86 -13.70 -3.08
C ASN C 113 43.26 -13.87 -2.48
N SER C 114 44.13 -14.58 -3.20
CA SER C 114 45.51 -14.79 -2.75
C SER C 114 46.44 -13.68 -3.25
N SER D 3 39.32 -5.19 -47.58
CA SER D 3 39.26 -3.82 -47.03
C SER D 3 39.00 -3.79 -45.53
N GLU D 4 37.96 -4.50 -45.13
CA GLU D 4 37.36 -4.33 -43.82
C GLU D 4 37.19 -5.69 -43.15
N GLN D 5 37.27 -5.70 -41.83
CA GLN D 5 37.03 -6.91 -41.06
C GLN D 5 36.31 -6.67 -39.74
N SER D 6 35.46 -7.61 -39.37
CA SER D 6 34.65 -7.51 -38.17
C SER D 6 35.47 -7.78 -36.92
N ILE D 7 35.50 -6.83 -36.00
CA ILE D 7 36.13 -7.03 -34.69
C ILE D 7 35.12 -7.52 -33.65
N CYS D 8 33.82 -7.38 -33.95
CA CYS D 8 32.77 -7.96 -33.11
C CYS D 8 31.41 -8.10 -33.82
N GLN D 9 30.52 -8.83 -33.16
CA GLN D 9 29.19 -9.13 -33.67
C GLN D 9 28.26 -9.27 -32.47
N ALA D 10 27.19 -8.49 -32.44
CA ALA D 10 26.26 -8.53 -31.30
C ALA D 10 24.80 -8.36 -31.74
N ARG D 11 23.90 -9.07 -31.07
CA ARG D 11 22.46 -8.92 -31.31
C ARG D 11 21.92 -7.72 -30.55
N ALA D 12 21.28 -6.80 -31.27
CA ALA D 12 20.68 -5.62 -30.65
C ALA D 12 19.60 -5.03 -31.54
N ALA D 13 18.56 -4.49 -30.91
CA ALA D 13 17.64 -3.62 -31.60
C ALA D 13 18.33 -2.25 -31.64
N VAL D 14 18.50 -1.70 -32.83
CA VAL D 14 19.15 -0.41 -32.98
C VAL D 14 18.10 0.67 -32.85
N MET D 15 18.36 1.62 -31.97
CA MET D 15 17.44 2.72 -31.76
C MET D 15 18.10 4.02 -32.13
N VAL D 16 17.26 5.00 -32.48
CA VAL D 16 17.63 6.39 -32.51
C VAL D 16 16.69 7.19 -31.59
N TYR D 17 17.20 8.25 -30.97
CA TYR D 17 16.36 9.04 -30.10
C TYR D 17 15.65 10.13 -30.90
N ASP D 18 14.32 10.17 -30.79
CA ASP D 18 13.48 11.17 -31.44
C ASP D 18 13.48 12.43 -30.59
N ASP D 19 14.17 13.46 -31.09
CA ASP D 19 14.37 14.68 -30.32
C ASP D 19 13.18 15.63 -30.24
N ALA D 20 12.25 15.53 -31.18
CA ALA D 20 11.07 16.37 -31.14
C ALA D 20 10.05 15.80 -30.17
N ASN D 21 9.91 14.47 -30.20
CA ASN D 21 8.87 13.78 -29.46
C ASN D 21 9.35 13.22 -28.13
N LYS D 22 10.65 13.35 -27.89
CA LYS D 22 11.32 12.87 -26.66
C LYS D 22 11.06 11.39 -26.39
N LYS D 23 11.37 10.56 -27.38
CA LYS D 23 11.29 9.12 -27.21
C LYS D 23 12.32 8.37 -28.06
N TRP D 24 12.64 7.15 -27.65
CA TRP D 24 13.44 6.25 -28.47
C TRP D 24 12.56 5.64 -29.55
N VAL D 25 13.08 5.61 -30.78
CA VAL D 25 12.36 4.98 -31.90
C VAL D 25 13.29 3.98 -32.60
N PRO D 26 12.70 2.99 -33.31
CA PRO D 26 13.55 2.04 -34.04
C PRO D 26 14.34 2.72 -35.14
N ALA D 27 15.61 2.37 -35.29
CA ALA D 27 16.42 2.90 -36.38
C ALA D 27 15.99 2.31 -37.73
N GLY D 28 15.77 3.18 -38.70
CA GLY D 28 15.34 2.76 -40.03
C GLY D 28 13.84 2.57 -40.18
N GLY D 29 13.11 2.79 -39.09
CA GLY D 29 11.66 2.61 -39.08
C GLY D 29 11.18 1.21 -38.76
N SER D 30 12.04 0.21 -38.96
CA SER D 30 11.63 -1.18 -38.77
C SER D 30 12.02 -1.73 -37.40
N THR D 31 11.02 -2.23 -36.70
CA THR D 31 11.22 -2.91 -35.42
C THR D 31 11.93 -4.26 -35.61
N GLY D 32 12.62 -4.72 -34.57
CA GLY D 32 13.31 -6.00 -34.64
C GLY D 32 14.82 -5.92 -34.46
N PHE D 33 15.40 -7.06 -34.10
CA PHE D 33 16.82 -7.13 -33.80
C PHE D 33 17.71 -7.17 -35.03
N SER D 34 18.91 -6.64 -34.87
CA SER D 34 19.90 -6.63 -35.92
C SER D 34 21.13 -7.38 -35.46
N ARG D 35 21.95 -7.77 -36.44
CA ARG D 35 23.29 -8.22 -36.16
C ARG D 35 24.17 -7.00 -36.38
N VAL D 36 24.81 -6.54 -35.30
CA VAL D 36 25.58 -5.30 -35.32
C VAL D 36 27.08 -5.58 -35.21
N HIS D 37 27.85 -5.13 -36.19
CA HIS D 37 29.30 -5.27 -36.20
C HIS D 37 29.98 -3.94 -35.98
N ILE D 38 31.16 -3.99 -35.38
CA ILE D 38 32.14 -2.93 -35.59
C ILE D 38 33.14 -3.46 -36.60
N TYR D 39 33.27 -2.74 -37.71
CA TYR D 39 34.22 -3.08 -38.77
C TYR D 39 35.47 -2.22 -38.65
N HIS D 40 36.62 -2.85 -38.82
CA HIS D 40 37.88 -2.13 -38.88
C HIS D 40 38.39 -2.09 -40.32
N HIS D 41 38.52 -0.88 -40.86
CA HIS D 41 39.18 -0.69 -42.15
C HIS D 41 40.67 -0.67 -41.89
N THR D 42 41.32 -1.79 -42.19
CA THR D 42 42.71 -2.02 -41.77
C THR D 42 43.70 -1.23 -42.62
N GLY D 43 43.28 -0.84 -43.82
CA GLY D 43 44.11 -0.05 -44.73
C GLY D 43 44.12 1.44 -44.41
N ASN D 44 43.01 1.95 -43.88
CA ASN D 44 42.90 3.35 -43.46
C ASN D 44 42.99 3.52 -41.95
N ASN D 45 42.88 2.41 -41.23
CA ASN D 45 42.83 2.38 -39.77
C ASN D 45 41.67 3.19 -39.18
N THR D 46 40.48 2.97 -39.72
CA THR D 46 39.27 3.61 -39.20
C THR D 46 38.23 2.56 -38.84
N PHE D 47 37.26 2.97 -38.02
CA PHE D 47 36.27 2.07 -37.46
C PHE D 47 34.84 2.53 -37.74
N ARG D 48 33.94 1.56 -37.76
CA ARG D 48 32.60 1.74 -38.30
C ARG D 48 31.64 0.79 -37.59
N VAL D 49 30.49 1.30 -37.16
CA VAL D 49 29.39 0.47 -36.65
C VAL D 49 28.43 0.18 -37.79
N VAL D 50 28.20 -1.09 -38.07
CA VAL D 50 27.22 -1.50 -39.10
C VAL D 50 26.24 -2.56 -38.56
N GLY D 51 24.95 -2.25 -38.63
CA GLY D 51 23.90 -3.17 -38.20
C GLY D 51 22.96 -3.52 -39.33
N ARG D 52 22.58 -4.80 -39.41
CA ARG D 52 21.69 -5.29 -40.44
C ARG D 52 20.58 -6.12 -39.80
N LYS D 53 19.34 -5.82 -40.16
CA LYS D 53 18.18 -6.56 -39.65
C LYS D 53 18.35 -8.05 -39.89
N ILE D 54 18.02 -8.85 -38.88
CA ILE D 54 18.20 -10.30 -38.97
C ILE D 54 17.18 -10.96 -39.89
N GLN D 55 16.01 -10.34 -40.04
CA GLN D 55 14.95 -10.85 -40.91
C GLN D 55 15.20 -10.60 -42.40
N ASP D 56 15.55 -9.36 -42.76
CA ASP D 56 15.65 -8.95 -44.16
C ASP D 56 17.00 -8.31 -44.53
N HIS D 57 17.93 -8.27 -43.57
CA HIS D 57 19.30 -7.76 -43.75
C HIS D 57 19.40 -6.26 -44.07
N GLN D 58 18.29 -5.55 -43.88
CA GLN D 58 18.26 -4.11 -44.08
C GLN D 58 19.31 -3.44 -43.19
N VAL D 59 20.14 -2.60 -43.81
CA VAL D 59 21.12 -1.80 -43.08
C VAL D 59 20.37 -0.70 -42.33
N VAL D 60 20.42 -0.75 -41.00
CA VAL D 60 19.72 0.22 -40.15
C VAL D 60 20.66 1.20 -39.45
N ILE D 61 21.94 0.85 -39.39
CA ILE D 61 22.96 1.76 -38.89
C ILE D 61 24.29 1.56 -39.63
N ASN D 62 24.84 2.67 -40.11
CA ASN D 62 26.15 2.71 -40.75
C ASN D 62 26.79 3.98 -40.23
N CYS D 63 27.43 3.85 -39.08
CA CYS D 63 27.87 4.99 -38.29
C CYS D 63 29.37 4.90 -38.00
N ALA D 64 30.10 5.93 -38.42
CA ALA D 64 31.53 6.00 -38.20
C ALA D 64 31.84 6.09 -36.71
N ILE D 65 33.00 5.61 -36.31
CA ILE D 65 33.48 5.78 -34.93
C ILE D 65 34.67 6.74 -34.94
N PRO D 66 34.42 8.04 -34.71
CA PRO D 66 35.52 8.99 -34.53
C PRO D 66 36.18 8.76 -33.18
N LYS D 67 37.40 9.26 -33.00
CA LYS D 67 38.14 9.01 -31.77
C LYS D 67 37.55 9.71 -30.54
N GLY D 68 36.71 10.70 -30.76
CA GLY D 68 36.11 11.47 -29.69
C GLY D 68 34.72 10.98 -29.28
N LEU D 69 34.34 9.80 -29.76
CA LEU D 69 33.03 9.24 -29.49
C LEU D 69 32.83 8.93 -28.00
N LYS D 70 31.73 9.42 -27.45
CA LYS D 70 31.40 9.20 -26.04
C LYS D 70 30.40 8.05 -25.89
N TYR D 71 30.94 6.88 -25.56
CA TYR D 71 30.14 5.67 -25.47
C TYR D 71 29.59 5.52 -24.05
N ASN D 72 28.26 5.56 -23.95
CA ASN D 72 27.56 5.55 -22.68
C ASN D 72 26.88 4.21 -22.46
N GLN D 73 27.29 3.52 -21.41
CA GLN D 73 26.66 2.26 -21.03
C GLN D 73 25.51 2.55 -20.07
N ALA D 74 24.45 3.18 -20.59
CA ALA D 74 23.31 3.66 -19.79
C ALA D 74 22.83 2.62 -18.79
N THR D 75 22.32 1.50 -19.31
CA THR D 75 22.02 0.34 -18.48
C THR D 75 22.99 -0.79 -18.85
N GLN D 76 22.78 -1.97 -18.27
CA GLN D 76 23.62 -3.14 -18.54
C GLN D 76 23.37 -3.74 -19.93
N THR D 77 22.16 -3.54 -20.46
CA THR D 77 21.81 -4.08 -21.78
C THR D 77 21.43 -3.01 -22.79
N PHE D 78 21.53 -1.74 -22.39
CA PHE D 78 21.29 -0.62 -23.31
C PHE D 78 22.50 0.31 -23.31
N HIS D 79 23.16 0.43 -24.46
CA HIS D 79 24.27 1.37 -24.62
C HIS D 79 23.96 2.41 -25.69
N GLN D 80 24.48 3.62 -25.49
CA GLN D 80 24.20 4.73 -26.39
C GLN D 80 25.42 5.64 -26.66
N TRP D 81 25.32 6.46 -27.68
CA TRP D 81 26.32 7.49 -27.98
C TRP D 81 25.72 8.53 -28.94
N ARG D 82 26.25 9.75 -28.85
CA ARG D 82 25.85 10.82 -29.74
C ARG D 82 26.74 10.84 -30.97
N ASP D 83 26.14 11.16 -32.12
CA ASP D 83 26.87 11.37 -33.36
C ASP D 83 26.18 12.46 -34.16
N ALA D 84 26.72 13.68 -34.11
CA ALA D 84 26.22 14.85 -34.85
C ALA D 84 24.72 14.81 -35.20
N ARG D 85 24.36 13.90 -36.10
CA ARG D 85 22.96 13.61 -36.45
C ARG D 85 22.11 13.51 -35.19
N GLN D 86 22.33 12.43 -34.45
CA GLN D 86 21.40 11.97 -33.43
C GLN D 86 22.10 11.16 -32.35
N VAL D 87 21.33 10.78 -31.35
CA VAL D 87 21.76 9.81 -30.36
C VAL D 87 21.36 8.41 -30.83
N TYR D 88 22.35 7.54 -30.94
CA TYR D 88 22.13 6.15 -31.26
C TYR D 88 22.07 5.35 -29.97
N GLY D 89 21.24 4.30 -29.97
CA GLY D 89 21.14 3.40 -28.83
C GLY D 89 21.09 1.95 -29.27
N LEU D 90 21.66 1.07 -28.46
CA LEU D 90 21.61 -0.36 -28.75
C LEU D 90 20.99 -1.13 -27.59
N ASN D 91 19.85 -1.76 -27.85
CA ASN D 91 19.16 -2.55 -26.86
C ASN D 91 19.50 -4.02 -27.11
N PHE D 92 20.52 -4.49 -26.39
CA PHE D 92 21.10 -5.82 -26.63
C PHE D 92 20.17 -6.96 -26.20
N GLY D 93 20.31 -8.10 -26.87
CA GLY D 93 19.53 -9.28 -26.53
C GLY D 93 19.92 -9.88 -25.19
N SER D 94 21.21 -9.76 -24.85
CA SER D 94 21.78 -10.32 -23.63
C SER D 94 22.86 -9.41 -23.05
N LYS D 95 23.21 -9.65 -21.78
CA LYS D 95 24.35 -8.99 -21.15
C LYS D 95 25.63 -9.43 -21.86
N GLU D 96 25.66 -10.69 -22.28
CA GLU D 96 26.76 -11.21 -23.10
C GLU D 96 27.00 -10.30 -24.31
N ASP D 97 25.95 -10.11 -25.12
CA ASP D 97 25.99 -9.23 -26.30
C ASP D 97 26.48 -7.81 -25.98
N ALA D 98 26.00 -7.27 -24.86
CA ALA D 98 26.38 -5.93 -24.40
C ALA D 98 27.87 -5.81 -24.07
N ASN D 99 28.37 -6.73 -23.23
CA ASN D 99 29.78 -6.73 -22.82
C ASN D 99 30.73 -6.86 -24.00
N VAL D 100 30.34 -7.68 -24.98
CA VAL D 100 31.13 -7.93 -26.18
C VAL D 100 31.26 -6.67 -27.03
N PHE D 101 30.13 -6.05 -27.36
CA PHE D 101 30.15 -4.80 -28.13
C PHE D 101 30.92 -3.72 -27.41
N ALA D 102 30.63 -3.53 -26.12
CA ALA D 102 31.26 -2.47 -25.33
C ALA D 102 32.77 -2.64 -25.31
N SER D 103 33.21 -3.88 -25.12
CA SER D 103 34.63 -4.19 -25.08
C SER D 103 35.32 -3.87 -26.41
N ALA D 104 34.64 -4.19 -27.52
CA ALA D 104 35.14 -3.86 -28.85
C ALA D 104 35.12 -2.37 -29.12
N MET D 105 34.12 -1.67 -28.59
CA MET D 105 34.06 -0.23 -28.74
C MET D 105 35.18 0.45 -27.97
N MET D 106 35.47 -0.04 -26.77
CA MET D 106 36.53 0.53 -25.93
C MET D 106 37.92 0.34 -26.57
N HIS D 107 38.09 -0.77 -27.28
CA HIS D 107 39.34 -1.08 -27.94
C HIS D 107 39.53 -0.26 -29.21
N ALA D 108 38.47 -0.14 -30.00
CA ALA D 108 38.48 0.67 -31.22
C ALA D 108 38.85 2.11 -30.91
N LEU D 109 38.26 2.64 -29.83
CA LEU D 109 38.58 3.98 -29.36
C LEU D 109 40.00 4.10 -28.81
N GLU D 110 40.49 3.05 -28.15
CA GLU D 110 41.84 3.02 -27.61
C GLU D 110 42.89 3.02 -28.72
N VAL D 111 42.59 2.29 -29.79
CA VAL D 111 43.41 2.25 -31.00
C VAL D 111 43.48 3.64 -31.64
N LEU D 112 42.32 4.29 -31.77
CA LEU D 112 42.25 5.62 -32.40
C LEU D 112 42.89 6.74 -31.57
N ASN D 113 43.02 6.53 -30.27
CA ASN D 113 43.56 7.55 -29.38
C ASN D 113 45.01 7.32 -28.94
N SER D 114 45.64 6.29 -29.51
CA SER D 114 47.00 5.90 -29.12
C SER D 114 48.11 6.79 -29.71
N ALA E 2 -53.43 23.92 35.06
CA ALA E 2 -52.09 24.52 35.33
C ALA E 2 -51.01 23.88 34.45
N VAL E 3 -50.52 24.64 33.48
CA VAL E 3 -49.62 24.14 32.45
C VAL E 3 -48.30 24.87 32.51
N VAL E 4 -47.25 24.24 31.99
CA VAL E 4 -45.90 24.82 31.95
C VAL E 4 -45.56 25.20 30.51
N CYS E 5 -44.92 26.36 30.33
CA CYS E 5 -44.58 26.86 29.02
C CYS E 5 -43.41 26.08 28.41
N GLN E 6 -43.55 25.69 27.14
CA GLN E 6 -42.52 24.94 26.43
C GLN E 6 -41.36 25.86 26.05
N GLY E 7 -41.66 27.14 25.93
CA GLY E 7 -40.63 28.17 25.69
C GLY E 7 -39.78 28.51 26.91
N CYS E 8 -40.41 28.88 28.02
CA CYS E 8 -39.65 29.42 29.16
C CYS E 8 -39.59 28.49 30.36
N HIS E 9 -40.28 27.36 30.27
CA HIS E 9 -40.44 26.39 31.37
C HIS E 9 -41.11 26.92 32.66
N ASN E 10 -41.88 28.00 32.54
CA ASN E 10 -42.63 28.50 33.70
C ASN E 10 -44.13 28.34 33.49
N ALA E 11 -44.88 28.40 34.59
CA ALA E 11 -46.33 28.19 34.58
C ALA E 11 -47.08 29.15 33.66
N ILE E 12 -48.06 28.61 32.95
CA ILE E 12 -49.03 29.45 32.25
C ILE E 12 -50.28 29.54 33.13
N ASP E 13 -50.71 30.78 33.38
CA ASP E 13 -51.97 31.07 34.07
C ASP E 13 -53.10 30.23 33.45
N PRO E 14 -53.76 29.38 34.27
CA PRO E 14 -54.89 28.53 33.85
C PRO E 14 -55.98 29.26 33.07
N GLU E 15 -56.15 30.56 33.34
CA GLU E 15 -57.25 31.33 32.76
C GLU E 15 -56.95 31.94 31.38
N VAL E 16 -55.68 32.26 31.13
CA VAL E 16 -55.30 33.01 29.91
C VAL E 16 -55.26 32.13 28.67
N GLN E 17 -55.40 32.75 27.50
CA GLN E 17 -55.27 32.01 26.25
C GLN E 17 -53.79 31.80 25.90
N ARG E 18 -53.50 30.65 25.30
CA ARG E 18 -52.12 30.25 25.04
C ARG E 18 -51.99 29.50 23.72
N VAL E 19 -50.79 29.51 23.16
CA VAL E 19 -50.47 28.76 21.95
C VAL E 19 -50.39 27.29 22.28
N THR E 20 -51.00 26.45 21.45
CA THR E 20 -51.01 25.01 21.66
C THR E 20 -50.62 24.23 20.40
N TYR E 21 -49.80 23.20 20.58
CA TYR E 21 -49.49 22.24 19.53
C TYR E 21 -49.17 20.91 20.21
N ASN E 22 -50.04 19.91 19.99
CA ASN E 22 -49.99 18.65 20.73
C ASN E 22 -50.07 18.86 22.23
N ASN E 23 -49.23 18.16 22.97
CA ASN E 23 -49.10 18.35 24.42
C ASN E 23 -48.06 19.43 24.77
N PHE E 24 -47.90 20.41 23.86
CA PHE E 24 -47.03 21.57 24.10
C PHE E 24 -47.85 22.85 24.17
N SER E 25 -47.47 23.72 25.10
CA SER E 25 -48.08 25.03 25.22
C SER E 25 -47.01 26.09 25.41
N TRP E 26 -47.26 27.28 24.85
CA TRP E 26 -46.39 28.44 25.05
C TRP E 26 -47.22 29.62 25.49
N HIS E 27 -46.61 30.50 26.28
CA HIS E 27 -47.19 31.81 26.61
C HIS E 27 -47.44 32.58 25.31
N ALA E 28 -48.58 33.25 25.24
CA ALA E 28 -48.94 34.01 24.05
C ALA E 28 -48.68 35.52 24.18
N SER E 29 -48.33 35.97 25.38
CA SER E 29 -48.16 37.40 25.69
C SER E 29 -46.70 37.81 25.86
N THR E 30 -45.91 36.95 26.50
CA THR E 30 -44.47 37.17 26.59
C THR E 30 -43.82 36.49 25.39
N GLU E 31 -42.56 36.80 25.13
CA GLU E 31 -41.87 36.23 23.97
C GLU E 31 -41.41 34.81 24.26
N CYS E 32 -42.33 33.86 24.11
CA CYS E 32 -42.07 32.45 24.36
C CYS E 32 -42.24 31.59 23.13
N PHE E 33 -43.18 31.96 22.27
CA PHE E 33 -43.42 31.24 21.01
C PHE E 33 -42.48 31.74 19.92
N LEU E 34 -41.25 31.21 19.98
CA LEU E 34 -40.13 31.73 19.20
C LEU E 34 -39.53 30.65 18.33
N CYS E 35 -38.95 31.07 17.21
CA CYS E 35 -38.17 30.13 16.40
C CYS E 35 -37.06 29.61 17.29
N SER E 36 -37.04 28.29 17.46
CA SER E 36 -36.05 27.60 18.28
C SER E 36 -34.61 27.93 17.91
N CYS E 37 -34.40 28.30 16.65
CA CYS E 37 -33.08 28.70 16.17
C CYS E 37 -32.79 30.19 16.37
N CYS E 38 -33.54 31.04 15.69
CA CYS E 38 -33.20 32.47 15.58
C CYS E 38 -34.03 33.37 16.50
N SER E 39 -34.86 32.76 17.35
CA SER E 39 -35.65 33.45 18.37
C SER E 39 -36.70 34.45 17.85
N LYS E 40 -36.99 34.37 16.56
CA LYS E 40 -38.05 35.17 15.96
C LYS E 40 -39.40 34.81 16.58
N CYS E 41 -40.18 35.83 16.95
CA CYS E 41 -41.54 35.61 17.43
C CYS E 41 -42.45 35.11 16.32
N LEU E 42 -43.11 33.98 16.58
CA LEU E 42 -43.94 33.31 15.56
C LEU E 42 -45.44 33.46 15.79
N ILE E 43 -45.84 34.27 16.76
CA ILE E 43 -47.25 34.56 16.99
C ILE E 43 -47.85 35.24 15.77
N GLY E 44 -48.87 34.60 15.18
CA GLY E 44 -49.51 35.09 13.96
C GLY E 44 -48.71 34.80 12.70
N GLN E 45 -47.54 34.18 12.87
CA GLN E 45 -46.62 33.94 11.75
C GLN E 45 -46.66 32.50 11.25
N LYS E 46 -46.15 32.31 10.04
CA LYS E 46 -45.84 30.98 9.54
C LYS E 46 -44.88 30.28 10.50
N PHE E 47 -45.16 29.02 10.80
CA PHE E 47 -44.30 28.23 11.68
C PHE E 47 -44.27 26.77 11.23
N MET E 48 -43.19 26.07 11.64
CA MET E 48 -42.96 24.69 11.30
C MET E 48 -42.61 23.96 12.59
N PRO E 49 -43.57 23.19 13.14
CA PRO E 49 -43.34 22.49 14.40
C PRO E 49 -42.66 21.13 14.24
N VAL E 50 -41.76 20.81 15.17
CA VAL E 50 -41.13 19.49 15.25
C VAL E 50 -41.01 19.16 16.73
N GLU E 51 -41.83 18.22 17.21
CA GLU E 51 -41.91 17.91 18.63
C GLU E 51 -42.02 19.21 19.46
N GLY E 52 -41.00 19.53 20.26
CA GLY E 52 -41.02 20.69 21.14
C GLY E 52 -40.43 21.96 20.55
N MET E 53 -39.98 21.88 19.29
CA MET E 53 -39.36 23.01 18.60
C MET E 53 -40.24 23.56 17.50
N VAL E 54 -40.07 24.85 17.19
CA VAL E 54 -40.71 25.50 16.07
C VAL E 54 -39.75 26.41 15.30
N PHE E 55 -39.95 26.49 13.98
CA PHE E 55 -39.25 27.40 13.06
C PHE E 55 -40.43 27.94 12.26
N CYS E 56 -40.59 29.22 11.92
CA CYS E 56 -39.68 30.19 11.29
C CYS E 56 -39.58 29.93 9.79
N SER E 57 -38.65 29.08 9.42
CA SER E 57 -38.36 28.81 8.02
C SER E 57 -37.72 27.45 7.88
N VAL E 58 -37.58 27.01 6.64
CA VAL E 58 -36.90 25.78 6.30
C VAL E 58 -35.39 25.89 6.56
N GLU E 59 -34.87 27.11 6.50
CA GLU E 59 -33.45 27.39 6.76
C GLU E 59 -33.09 27.17 8.24
N CYS E 60 -33.96 27.64 9.14
CA CYS E 60 -33.75 27.43 10.57
C CYS E 60 -33.95 25.97 10.98
N LYS E 61 -34.93 25.32 10.36
CA LYS E 61 -35.21 23.91 10.58
C LYS E 61 -34.01 23.03 10.21
N LYS E 62 -33.45 23.23 9.03
CA LYS E 62 -32.34 22.38 8.55
C LYS E 62 -31.08 22.62 9.37
N ARG E 63 -30.93 23.86 9.85
CA ARG E 63 -29.86 24.23 10.77
C ARG E 63 -29.91 23.42 12.07
N MET E 64 -31.07 22.87 12.38
CA MET E 64 -31.24 22.05 13.58
C MET E 64 -31.55 20.60 13.28
N SER E 65 -31.01 20.12 12.16
CA SER E 65 -30.95 18.70 11.86
C SER E 65 -29.58 18.17 12.29
N ALA F 2 9.39 -7.39 9.94
CA ALA F 2 9.98 -6.51 11.00
C ALA F 2 9.49 -5.07 10.88
N VAL F 3 10.28 -4.20 10.24
CA VAL F 3 10.01 -2.76 10.22
C VAL F 3 8.91 -2.34 9.24
N VAL F 4 7.85 -1.79 9.80
CA VAL F 4 6.70 -1.33 9.04
C VAL F 4 6.69 0.21 8.97
N CYS F 5 6.46 0.74 7.77
CA CYS F 5 6.35 2.17 7.55
C CYS F 5 5.13 2.76 8.28
N GLN F 6 5.37 3.82 9.04
CA GLN F 6 4.33 4.51 9.80
C GLN F 6 3.37 5.28 8.87
N GLY F 7 3.85 5.63 7.69
CA GLY F 7 3.02 6.24 6.66
C GLY F 7 2.07 5.29 5.95
N CYS F 8 2.59 4.26 5.30
CA CYS F 8 1.77 3.43 4.42
C CYS F 8 1.30 2.08 5.03
N HIS F 9 1.88 1.74 6.18
CA HIS F 9 1.67 0.45 6.86
C HIS F 9 2.19 -0.78 6.12
N ASN F 10 3.16 -0.58 5.24
CA ASN F 10 3.81 -1.71 4.59
C ASN F 10 5.27 -1.81 5.01
N ALA F 11 5.85 -2.97 4.73
CA ALA F 11 7.22 -3.29 5.11
C ALA F 11 8.26 -2.36 4.48
N ILE F 12 9.26 -2.00 5.28
CA ILE F 12 10.43 -1.35 4.74
C ILE F 12 11.52 -2.39 4.53
N ASP F 13 11.93 -2.54 3.26
CA ASP F 13 13.08 -3.36 2.88
C ASP F 13 14.24 -3.04 3.82
N PRO F 14 14.79 -4.07 4.51
CA PRO F 14 15.87 -3.85 5.49
C PRO F 14 17.15 -3.16 4.96
N GLU F 15 17.31 -3.10 3.65
CA GLU F 15 18.55 -2.57 3.10
C GLU F 15 18.46 -1.21 2.39
N VAL F 16 17.29 -0.58 2.45
CA VAL F 16 17.12 0.78 1.91
C VAL F 16 17.20 1.83 3.02
N GLN F 17 17.73 3.02 2.71
CA GLN F 17 17.70 4.10 3.68
C GLN F 17 16.27 4.57 3.89
N ARG F 18 15.96 4.95 5.12
CA ARG F 18 14.59 5.31 5.49
C ARG F 18 14.63 6.41 6.53
N VAL F 19 13.50 7.09 6.71
CA VAL F 19 13.38 8.10 7.74
C VAL F 19 13.11 7.45 9.09
N THR F 20 13.87 7.86 10.09
CA THR F 20 13.75 7.32 11.45
C THR F 20 13.70 8.45 12.47
N TYR F 21 12.61 8.50 13.22
CA TYR F 21 12.48 9.40 14.37
C TYR F 21 11.76 8.64 15.48
N ASN F 22 12.31 8.71 16.70
CA ASN F 22 11.90 7.82 17.78
C ASN F 22 11.96 6.37 17.31
N ASN F 23 10.95 5.59 17.70
CA ASN F 23 10.83 4.22 17.26
C ASN F 23 9.94 4.07 16.01
N PHE F 24 9.77 5.17 15.29
CA PHE F 24 8.98 5.18 14.05
C PHE F 24 9.87 5.23 12.81
N SER F 25 9.43 4.55 11.75
CA SER F 25 10.14 4.60 10.48
C SER F 25 9.17 4.88 9.35
N TRP F 26 9.62 5.67 8.37
CA TRP F 26 8.87 5.90 7.13
C TRP F 26 9.76 5.59 5.94
N HIS F 27 9.16 5.07 4.86
CA HIS F 27 9.82 5.06 3.56
C HIS F 27 10.25 6.49 3.25
N ALA F 28 11.50 6.66 2.82
CA ALA F 28 12.02 7.96 2.43
C ALA F 28 11.49 8.27 1.04
N SER F 29 10.19 8.53 0.98
CA SER F 29 9.45 8.63 -0.26
C SER F 29 8.44 9.77 -0.21
N THR F 30 8.08 10.27 -1.38
CA THR F 30 7.03 11.29 -1.52
C THR F 30 5.63 10.71 -1.31
N GLU F 31 5.54 9.41 -1.06
CA GLU F 31 4.28 8.74 -0.73
C GLU F 31 4.13 8.53 0.77
N CYS F 32 5.23 8.62 1.53
CA CYS F 32 5.23 8.15 2.90
C CYS F 32 5.61 9.17 4.00
N PHE F 33 6.75 9.84 3.90
CA PHE F 33 7.13 10.81 4.92
C PHE F 33 6.51 12.16 4.65
N LEU F 34 5.25 12.28 5.08
CA LEU F 34 4.34 13.31 4.66
C LEU F 34 3.67 13.95 5.87
N CYS F 35 3.34 15.23 5.75
CA CYS F 35 2.54 15.89 6.76
C CYS F 35 1.21 15.16 6.94
N SER F 36 0.92 14.80 8.17
CA SER F 36 -0.27 14.03 8.52
C SER F 36 -1.56 14.74 8.12
N CYS F 37 -1.47 16.07 8.03
CA CYS F 37 -2.60 16.88 7.61
C CYS F 37 -2.66 17.03 6.08
N CYS F 38 -1.74 17.82 5.52
CA CYS F 38 -1.83 18.27 4.12
C CYS F 38 -1.06 17.41 3.12
N SER F 39 -0.38 16.37 3.61
CA SER F 39 0.40 15.43 2.77
C SER F 39 1.63 16.04 2.09
N LYS F 40 2.06 17.22 2.55
CA LYS F 40 3.28 17.84 2.07
C LYS F 40 4.46 16.94 2.43
N CYS F 41 5.35 16.73 1.46
CA CYS F 41 6.52 15.88 1.67
C CYS F 41 7.49 16.58 2.60
N LEU F 42 7.92 15.85 3.62
CA LEU F 42 8.79 16.40 4.66
C LEU F 42 10.26 16.01 4.55
N ILE F 43 10.60 15.26 3.49
CA ILE F 43 11.99 14.87 3.23
C ILE F 43 12.86 16.11 3.07
N GLY F 44 13.85 16.25 3.95
CA GLY F 44 14.75 17.40 3.94
C GLY F 44 14.13 18.67 4.48
N GLN F 45 12.96 18.55 5.08
CA GLN F 45 12.21 19.70 5.58
C GLN F 45 12.13 19.70 7.10
N LYS F 46 11.74 20.85 7.65
CA LYS F 46 11.32 20.94 9.04
C LYS F 46 10.09 20.07 9.23
N PHE F 47 10.04 19.38 10.36
CA PHE F 47 8.89 18.55 10.70
C PHE F 47 8.68 18.58 12.20
N MET F 48 7.42 18.42 12.59
CA MET F 48 7.02 18.47 13.98
C MET F 48 6.29 17.19 14.36
N PRO F 49 7.01 16.26 15.02
CA PRO F 49 6.50 14.98 15.49
C PRO F 49 5.52 15.13 16.66
N VAL F 50 4.41 14.41 16.58
CA VAL F 50 3.47 14.26 17.67
C VAL F 50 3.05 12.80 17.64
N GLU F 51 3.57 12.02 18.58
CA GLU F 51 3.36 10.56 18.59
C GLU F 51 3.76 9.96 17.24
N GLY F 52 2.82 9.32 16.55
CA GLY F 52 3.09 8.75 15.24
C GLY F 52 2.74 9.66 14.07
N MET F 53 2.56 10.95 14.35
CA MET F 53 2.19 11.92 13.33
C MET F 53 3.30 12.96 13.13
N VAL F 54 3.37 13.53 11.93
CA VAL F 54 4.31 14.61 11.62
C VAL F 54 3.63 15.71 10.81
N PHE F 55 3.95 16.96 11.13
CA PHE F 55 3.51 18.17 10.41
C PHE F 55 4.84 18.89 10.30
N CYS F 56 5.30 19.47 9.19
CA CYS F 56 4.72 20.51 8.32
C CYS F 56 4.88 21.88 8.97
N SER F 57 3.95 22.19 9.86
CA SER F 57 3.81 23.53 10.37
C SER F 57 3.02 23.50 11.66
N VAL F 58 3.06 24.62 12.38
CA VAL F 58 2.23 24.86 13.55
C VAL F 58 0.73 24.80 13.19
N GLU F 59 0.38 25.40 12.06
CA GLU F 59 -1.02 25.46 11.63
C GLU F 59 -1.59 24.10 11.27
N CYS F 60 -0.80 23.26 10.59
CA CYS F 60 -1.25 21.89 10.26
C CYS F 60 -1.43 21.06 11.51
N LYS F 61 -0.47 21.20 12.44
CA LYS F 61 -0.55 20.57 13.76
C LYS F 61 -1.82 20.97 14.52
N LYS F 62 -2.17 22.27 14.47
CA LYS F 62 -3.38 22.77 15.14
C LYS F 62 -4.68 22.23 14.54
N ARG F 63 -4.64 21.90 13.26
CA ARG F 63 -5.78 21.27 12.58
C ARG F 63 -6.06 19.85 13.09
N MET F 64 -5.04 19.20 13.65
CA MET F 64 -5.15 17.82 14.12
C MET F 64 -4.93 17.67 15.62
N HIS G 1 3.38 -21.39 8.97
CA HIS G 1 3.72 -19.93 9.18
C HIS G 1 5.15 -19.59 8.74
N ALA G 2 6.07 -20.53 8.97
CA ALA G 2 7.44 -20.39 8.49
C ALA G 2 7.70 -21.42 7.38
N VAL G 3 6.61 -21.91 6.77
CA VAL G 3 6.70 -22.99 5.79
C VAL G 3 7.02 -22.50 4.36
N VAL G 4 8.12 -23.01 3.82
CA VAL G 4 8.60 -22.67 2.48
C VAL G 4 8.56 -23.93 1.60
N CYS G 5 8.10 -23.77 0.36
CA CYS G 5 8.00 -24.86 -0.62
C CYS G 5 9.36 -25.44 -1.00
N GLN G 6 9.49 -26.76 -0.91
CA GLN G 6 10.69 -27.43 -1.36
C GLN G 6 10.87 -27.31 -2.88
N GLY G 7 9.74 -27.24 -3.58
CA GLY G 7 9.73 -27.13 -5.03
C GLY G 7 10.19 -25.77 -5.55
N CYS G 8 9.44 -24.72 -5.24
CA CYS G 8 9.69 -23.40 -5.83
C CYS G 8 10.50 -22.47 -4.94
N HIS G 9 10.75 -22.91 -3.70
CA HIS G 9 11.40 -22.11 -2.65
C HIS G 9 10.64 -20.84 -2.23
N ASN G 10 9.34 -20.79 -2.55
CA ASN G 10 8.49 -19.69 -2.06
C ASN G 10 7.57 -20.16 -0.92
N ALA G 11 7.09 -19.21 -0.13
CA ALA G 11 6.25 -19.53 1.03
C ALA G 11 4.96 -20.23 0.64
N ILE G 12 4.56 -21.18 1.49
CA ILE G 12 3.25 -21.80 1.43
C ILE G 12 2.35 -21.17 2.49
N ASP G 13 1.27 -20.54 2.03
CA ASP G 13 0.22 -19.94 2.87
C ASP G 13 -0.23 -20.92 3.96
N PRO G 14 -0.26 -20.47 5.24
CA PRO G 14 -0.70 -21.33 6.35
C PRO G 14 -2.09 -21.95 6.18
N GLU G 15 -2.94 -21.31 5.39
CA GLU G 15 -4.33 -21.73 5.26
C GLU G 15 -4.60 -22.77 4.19
N VAL G 16 -3.65 -22.95 3.27
CA VAL G 16 -3.87 -23.82 2.11
C VAL G 16 -3.47 -25.27 2.35
N GLN G 17 -4.14 -26.21 1.69
CA GLN G 17 -3.67 -27.58 1.76
C GLN G 17 -2.41 -27.73 0.92
N ARG G 18 -1.51 -28.58 1.38
CA ARG G 18 -0.21 -28.73 0.75
C ARG G 18 0.25 -30.16 0.92
N VAL G 19 1.24 -30.56 0.12
CA VAL G 19 1.82 -31.89 0.21
C VAL G 19 2.92 -31.88 1.26
N THR G 20 2.88 -32.87 2.16
CA THR G 20 3.89 -33.01 3.19
C THR G 20 4.54 -34.39 3.12
N TYR G 21 5.86 -34.43 3.14
CA TYR G 21 6.57 -35.67 3.39
C TYR G 21 7.66 -35.42 4.41
N ASN G 22 7.59 -36.17 5.51
CA ASN G 22 8.40 -35.89 6.68
C ASN G 22 8.36 -34.40 7.02
N ASN G 23 9.48 -33.73 6.85
CA ASN G 23 9.58 -32.31 7.15
C ASN G 23 9.61 -31.41 5.92
N PHE G 24 9.45 -32.00 4.73
CA PHE G 24 9.35 -31.23 3.50
C PHE G 24 7.90 -30.93 3.17
N SER G 25 7.66 -29.75 2.60
CA SER G 25 6.35 -29.38 2.10
C SER G 25 6.43 -28.80 0.69
N TRP G 26 5.41 -29.13 -0.12
CA TRP G 26 5.27 -28.58 -1.47
C TRP G 26 3.87 -28.01 -1.65
N HIS G 27 3.77 -26.87 -2.34
CA HIS G 27 2.47 -26.41 -2.84
C HIS G 27 1.82 -27.60 -3.57
N ALA G 28 0.53 -27.80 -3.37
CA ALA G 28 -0.18 -28.84 -4.12
C ALA G 28 -0.46 -28.32 -5.53
N SER G 29 0.62 -28.14 -6.27
CA SER G 29 0.62 -27.45 -7.56
C SER G 29 1.31 -28.31 -8.60
N THR G 30 0.79 -28.30 -9.82
CA THR G 30 1.40 -29.00 -10.94
C THR G 30 2.67 -28.28 -11.39
N GLU G 31 3.09 -27.30 -10.59
CA GLU G 31 4.30 -26.53 -10.85
C GLU G 31 5.31 -26.69 -9.72
N CYS G 32 4.88 -27.34 -8.64
CA CYS G 32 5.73 -27.53 -7.47
C CYS G 32 5.97 -28.98 -7.08
N PHE G 33 4.92 -29.79 -6.95
CA PHE G 33 5.11 -31.20 -6.58
C PHE G 33 5.32 -32.06 -7.82
N LEU G 34 6.55 -32.02 -8.31
CA LEU G 34 6.94 -32.56 -9.60
C LEU G 34 8.10 -33.53 -9.45
N CYS G 35 8.30 -34.37 -10.45
CA CYS G 35 9.49 -35.21 -10.48
C CYS G 35 10.75 -34.35 -10.71
N SER G 36 11.72 -34.51 -9.81
CA SER G 36 12.97 -33.73 -9.84
C SER G 36 13.69 -33.85 -11.17
N CYS G 37 13.49 -34.98 -11.83
CA CYS G 37 14.11 -35.24 -13.13
C CYS G 37 13.27 -34.70 -14.29
N CYS G 38 12.09 -35.29 -14.49
CA CYS G 38 11.31 -35.08 -15.72
C CYS G 38 10.17 -34.07 -15.60
N SER G 39 9.93 -33.57 -14.39
CA SER G 39 8.90 -32.54 -14.12
C SER G 39 7.45 -33.00 -14.29
N LYS G 40 7.24 -34.32 -14.33
CA LYS G 40 5.90 -34.89 -14.27
C LYS G 40 5.28 -34.61 -12.90
N CYS G 41 4.07 -34.06 -12.92
CA CYS G 41 3.35 -33.75 -11.68
C CYS G 41 3.08 -35.04 -10.91
N LEU G 42 3.37 -35.03 -9.63
CA LEU G 42 3.27 -36.23 -8.80
C LEU G 42 2.05 -36.26 -7.88
N ILE G 43 1.18 -35.26 -8.00
CA ILE G 43 -0.02 -35.17 -7.15
C ILE G 43 -1.00 -36.31 -7.43
N GLY G 44 -1.30 -37.08 -6.38
CA GLY G 44 -2.17 -38.24 -6.47
C GLY G 44 -1.52 -39.44 -7.14
N GLN G 45 -0.23 -39.32 -7.43
CA GLN G 45 0.55 -40.36 -8.09
C GLN G 45 1.51 -41.02 -7.12
N LYS G 46 2.11 -42.13 -7.53
CA LYS G 46 3.19 -42.76 -6.77
C LYS G 46 4.44 -41.87 -6.84
N PHE G 47 5.14 -41.75 -5.72
CA PHE G 47 6.38 -40.98 -5.70
C PHE G 47 7.47 -41.61 -4.82
N MET G 48 8.71 -41.26 -5.13
CA MET G 48 9.86 -41.76 -4.39
C MET G 48 10.71 -40.59 -3.88
N PRO G 49 10.67 -40.37 -2.55
CA PRO G 49 11.41 -39.27 -1.94
C PRO G 49 12.86 -39.65 -1.64
N VAL G 50 13.78 -38.78 -2.04
CA VAL G 50 15.19 -38.88 -1.65
C VAL G 50 15.59 -37.49 -1.17
N GLU G 51 15.56 -37.31 0.15
CA GLU G 51 15.63 -35.99 0.78
C GLU G 51 14.65 -35.02 0.12
N GLY G 52 15.16 -33.88 -0.36
CA GLY G 52 14.32 -32.87 -1.00
C GLY G 52 13.94 -33.18 -2.44
N MET G 53 14.51 -34.27 -2.98
CA MET G 53 14.16 -34.73 -4.32
C MET G 53 13.02 -35.76 -4.26
N VAL G 54 12.19 -35.76 -5.31
CA VAL G 54 11.12 -36.74 -5.47
C VAL G 54 11.06 -37.23 -6.92
N PHE G 55 10.90 -38.53 -7.10
CA PHE G 55 10.87 -39.09 -8.44
C PHE G 55 9.60 -39.89 -8.71
N CYS G 56 9.16 -39.86 -9.97
CA CYS G 56 7.98 -40.60 -10.42
C CYS G 56 8.24 -42.10 -10.48
N SER G 57 9.52 -42.47 -10.61
CA SER G 57 9.91 -43.84 -10.95
C SER G 57 11.36 -44.14 -10.59
N VAL G 58 11.71 -45.42 -10.59
CA VAL G 58 13.08 -45.87 -10.38
C VAL G 58 14.01 -45.37 -11.48
N GLU G 59 13.44 -45.18 -12.67
CA GLU G 59 14.18 -44.72 -13.85
C GLU G 59 14.68 -43.28 -13.67
N CYS G 60 13.84 -42.42 -13.11
CA CYS G 60 14.20 -41.04 -12.83
C CYS G 60 15.15 -40.92 -11.63
N LYS G 61 14.93 -41.78 -10.63
CA LYS G 61 15.82 -41.86 -9.47
C LYS G 61 17.21 -42.37 -9.88
N LYS G 62 17.24 -43.22 -10.90
CA LYS G 62 18.49 -43.72 -11.48
C LYS G 62 19.33 -42.59 -12.08
N ARG G 63 18.66 -41.71 -12.84
CA ARG G 63 19.33 -40.59 -13.52
C ARG G 63 19.84 -39.51 -12.57
N MET G 64 19.65 -39.70 -11.27
CA MET G 64 20.06 -38.71 -10.27
C MET G 64 20.65 -39.41 -9.05
N ALA H 2 8.48 3.82 -12.44
CA ALA H 2 9.66 3.74 -13.35
C ALA H 2 9.92 2.31 -13.84
N VAL H 3 9.07 1.84 -14.75
CA VAL H 3 9.37 0.65 -15.55
C VAL H 3 9.57 1.07 -17.01
N VAL H 4 10.64 0.59 -17.61
CA VAL H 4 10.98 0.89 -18.99
C VAL H 4 10.71 -0.33 -19.87
N CYS H 5 10.03 -0.09 -20.99
CA CYS H 5 9.69 -1.15 -21.94
C CYS H 5 10.92 -1.81 -22.54
N GLN H 6 10.95 -3.14 -22.48
CA GLN H 6 12.05 -3.93 -23.01
C GLN H 6 12.10 -3.83 -24.55
N GLY H 7 10.95 -3.55 -25.16
CA GLY H 7 10.87 -3.50 -26.61
C GLY H 7 11.25 -2.15 -27.20
N CYS H 8 10.74 -1.07 -26.62
CA CYS H 8 10.93 0.27 -27.18
C CYS H 8 11.85 1.17 -26.34
N HIS H 9 12.20 0.70 -25.14
CA HIS H 9 13.06 1.45 -24.21
C HIS H 9 12.47 2.80 -23.77
N ASN H 10 11.14 2.90 -23.76
CA ASN H 10 10.44 4.06 -23.20
C ASN H 10 9.62 3.63 -22.01
N ALA H 11 9.34 4.56 -21.11
CA ALA H 11 8.64 4.28 -19.86
C ALA H 11 7.26 3.66 -20.09
N ILE H 12 6.88 2.72 -19.23
CA ILE H 12 5.52 2.19 -19.23
C ILE H 12 4.74 2.92 -18.14
N ASP H 13 3.57 3.43 -18.50
CA ASP H 13 2.66 4.10 -17.57
C ASP H 13 2.28 3.16 -16.42
N PRO H 14 2.62 3.53 -15.17
CA PRO H 14 2.27 2.72 -14.01
C PRO H 14 0.79 2.27 -13.99
N GLU H 15 -0.12 3.09 -14.53
CA GLU H 15 -1.55 2.79 -14.53
C GLU H 15 -2.01 1.73 -15.55
N VAL H 16 -1.19 1.42 -16.55
CA VAL H 16 -1.66 0.55 -17.64
C VAL H 16 -1.33 -0.93 -17.43
N GLN H 17 -2.10 -1.81 -18.05
CA GLN H 17 -1.71 -3.22 -18.08
C GLN H 17 -0.61 -3.37 -19.12
N ARG H 18 0.29 -4.31 -18.86
CA ARG H 18 1.46 -4.51 -19.70
C ARG H 18 1.83 -5.99 -19.66
N VAL H 19 2.57 -6.43 -20.68
CA VAL H 19 3.08 -7.78 -20.71
C VAL H 19 4.27 -7.86 -19.76
N THR H 20 4.37 -8.97 -19.04
CA THR H 20 5.48 -9.19 -18.14
C THR H 20 5.92 -10.65 -18.16
N TYR H 21 7.24 -10.84 -18.16
CA TYR H 21 7.81 -12.16 -17.98
C TYR H 21 9.04 -12.03 -17.12
N ASN H 22 8.95 -12.56 -15.90
CA ASN H 22 9.98 -12.39 -14.89
C ASN H 22 10.30 -10.90 -14.69
N ASN H 23 11.51 -10.48 -15.04
CA ASN H 23 11.91 -9.10 -14.77
C ASN H 23 11.86 -8.16 -15.99
N PHE H 24 11.33 -8.66 -17.10
CA PHE H 24 11.13 -7.85 -18.30
C PHE H 24 9.68 -7.42 -18.43
N SER H 25 9.50 -6.18 -18.86
CA SER H 25 8.18 -5.62 -19.13
C SER H 25 8.09 -5.05 -20.54
N TRP H 26 6.98 -5.32 -21.21
CA TRP H 26 6.71 -4.79 -22.54
C TRP H 26 5.35 -4.10 -22.54
N HIS H 27 5.26 -2.97 -23.23
CA HIS H 27 3.97 -2.40 -23.57
C HIS H 27 3.18 -3.52 -24.21
N ALA H 28 1.92 -3.68 -23.79
CA ALA H 28 1.01 -4.61 -24.46
C ALA H 28 0.54 -3.93 -25.73
N SER H 29 1.47 -3.83 -26.66
CA SER H 29 1.28 -3.12 -27.92
C SER H 29 1.88 -3.95 -29.04
N THR H 30 1.27 -3.82 -30.21
CA THR H 30 1.77 -4.39 -31.46
C THR H 30 3.19 -3.91 -31.78
N GLU H 31 3.52 -2.70 -31.34
CA GLU H 31 4.81 -2.08 -31.65
C GLU H 31 5.94 -2.52 -30.71
N CYS H 32 5.61 -3.19 -29.61
CA CYS H 32 6.59 -3.52 -28.58
C CYS H 32 6.78 -5.01 -28.29
N PHE H 33 5.74 -5.82 -28.49
CA PHE H 33 5.79 -7.25 -28.14
C PHE H 33 5.07 -8.17 -29.15
N LEU H 34 5.73 -8.86 -30.09
CA LEU H 34 6.94 -8.53 -30.91
C LEU H 34 8.07 -9.56 -30.90
N CYS H 35 8.02 -10.46 -31.89
CA CYS H 35 9.08 -11.43 -32.14
C CYS H 35 10.38 -10.71 -32.50
N SER H 36 11.43 -10.98 -31.74
CA SER H 36 12.73 -10.32 -31.91
C SER H 36 13.24 -10.43 -33.34
N CYS H 37 12.91 -11.55 -33.97
CA CYS H 37 13.33 -11.82 -35.33
C CYS H 37 12.40 -11.21 -36.39
N CYS H 38 11.16 -11.70 -36.45
CA CYS H 38 10.25 -11.36 -37.55
C CYS H 38 9.25 -10.24 -37.22
N SER H 39 9.28 -9.74 -35.99
CA SER H 39 8.40 -8.67 -35.53
C SER H 39 6.90 -9.02 -35.52
N LYS H 40 6.59 -10.31 -35.46
CA LYS H 40 5.22 -10.77 -35.30
C LYS H 40 4.76 -10.41 -33.90
N CYS H 41 3.63 -9.72 -33.77
CA CYS H 41 3.06 -9.40 -32.46
C CYS H 41 2.81 -10.69 -31.69
N LEU H 42 3.16 -10.71 -30.41
CA LEU H 42 3.04 -11.92 -29.61
C LEU H 42 1.93 -11.86 -28.54
N ILE H 43 1.12 -10.81 -28.56
CA ILE H 43 0.03 -10.68 -27.58
C ILE H 43 -1.02 -11.76 -27.84
N GLY H 44 -1.29 -12.56 -26.81
CA GLY H 44 -2.24 -13.66 -26.91
C GLY H 44 -1.67 -14.85 -27.65
N GLN H 45 -0.35 -14.87 -27.82
CA GLN H 45 0.34 -15.88 -28.61
C GLN H 45 1.38 -16.61 -27.78
N LYS H 46 1.81 -17.78 -28.25
CA LYS H 46 2.95 -18.47 -27.69
C LYS H 46 4.22 -17.64 -27.94
N PHE H 47 5.11 -17.62 -26.96
CA PHE H 47 6.35 -16.88 -27.08
C PHE H 47 7.49 -17.60 -26.39
N MET H 48 8.68 -17.45 -26.93
CA MET H 48 9.86 -18.12 -26.40
C MET H 48 10.94 -17.11 -25.96
N PRO H 49 10.99 -16.81 -24.65
CA PRO H 49 11.90 -15.78 -24.18
C PRO H 49 13.32 -16.30 -24.03
N VAL H 50 14.26 -15.64 -24.69
CA VAL H 50 15.67 -15.92 -24.50
C VAL H 50 16.27 -14.63 -23.98
N GLU H 51 16.47 -14.59 -22.66
CA GLU H 51 16.85 -13.37 -21.95
C GLU H 51 15.92 -12.22 -22.31
N GLY H 52 16.47 -11.12 -22.79
CA GLY H 52 15.67 -9.95 -23.19
C GLY H 52 14.97 -10.06 -24.54
N MET H 53 15.25 -11.15 -25.26
CA MET H 53 14.59 -11.43 -26.54
C MET H 53 13.35 -12.31 -26.35
N VAL H 54 12.41 -12.22 -27.28
CA VAL H 54 11.23 -13.09 -27.31
C VAL H 54 10.94 -13.54 -28.75
N PHE H 55 10.58 -14.82 -28.92
CA PHE H 55 10.38 -15.37 -30.25
C PHE H 55 9.00 -16.01 -30.45
N CYS H 56 8.53 -16.00 -31.70
CA CYS H 56 7.24 -16.59 -32.04
C CYS H 56 7.32 -18.10 -32.27
N SER H 57 8.53 -18.62 -32.51
CA SER H 57 8.68 -19.98 -33.04
C SER H 57 10.07 -20.59 -32.82
N VAL H 58 10.17 -21.88 -33.17
CA VAL H 58 11.38 -22.74 -32.99
C VAL H 58 12.81 -22.15 -33.11
N GLU H 59 13.25 -21.44 -34.17
CA GLU H 59 12.74 -21.25 -35.54
C GLU H 59 13.15 -19.83 -35.97
N CYS H 60 12.48 -18.85 -35.39
CA CYS H 60 12.98 -17.48 -35.36
C CYS H 60 14.07 -17.42 -34.29
N LYS H 61 13.86 -18.22 -33.25
CA LYS H 61 14.79 -18.39 -32.15
C LYS H 61 16.12 -18.99 -32.63
N LYS H 62 16.02 -20.02 -33.47
CA LYS H 62 17.21 -20.69 -34.05
C LYS H 62 18.01 -19.78 -34.96
N ARG H 63 17.34 -18.82 -35.62
CA ARG H 63 18.01 -17.82 -36.45
C ARG H 63 18.84 -16.83 -35.62
N MET H 64 18.50 -16.71 -34.34
CA MET H 64 19.22 -15.85 -33.42
C MET H 64 19.84 -16.68 -32.29
#